data_8TFE
#
_entry.id   8TFE
#
_cell.length_a   79.935
_cell.length_b   101.912
_cell.length_c   109.936
_cell.angle_alpha   90.00
_cell.angle_beta   100.24
_cell.angle_gamma   90.00
#
_symmetry.space_group_name_H-M   'C 1 2 1'
#
loop_
_entity.id
_entity.type
_entity.pdbx_description
1 polymer 'CBH-7 Heavy chain'
2 polymer 'CBH-7 Light chain'
3 non-polymer 1,2-ETHANEDIOL
4 non-polymer 'CITRATE ANION'
5 water water
#
loop_
_entity_poly.entity_id
_entity_poly.type
_entity_poly.pdbx_seq_one_letter_code
_entity_poly.pdbx_strand_id
1 'polypeptide(L)'
;MDWTWRFLFVVAAATVQSQVQLVQSGAEVRKPGSSVKISCKASGGTFNNYALSWVRQAPGQGLDWMGEITPIFGTEKYAQ
KFQGRVTITADESTNTLYMDLSSLRSEDSAVYYCARRGYIYGSPFDYWGQGTLVTVSSASTKGPSVFPLAPSSKSTSGGT
AALGCLVKDYFPEPVTVSWNSGALTSGVHTFPAVLQSSGLYSLSSVVTVPSSSLGTQTYICNVNHKPSNTKVDKRVEPKS
CDKTAGWSHPQFEK
;
A,C
2 'polypeptide(L)'
;MDMRVPAQLLGLLLLWLRARCDVLMTQSPSSLSASVGDRVTISCRASQSISSFLNWYQQKPGKAPKLLISAASSLSSGVP
SRFSGSGSGTSFTLTISSLQPEDVATYYCQQSYSFLLTFGGGTNVEIKRTVAAPSVFIFPPSDEQLKSGTASVVCLLNNF
YPREAKVQWKVDNALQSGNSQESVTEQDSKDSTYSLSSTLTLSKADYEKHKVYACEVTHQGLSSPVTKSFNRGEC
;
B,D
#
loop_
_chem_comp.id
_chem_comp.type
_chem_comp.name
_chem_comp.formula
EDO non-polymer 1,2-ETHANEDIOL 'C2 H6 O2'
FLC non-polymer 'CITRATE ANION' 'C6 H5 O7 -3'
#
# COMPACT_ATOMS: atom_id res chain seq x y z
N GLN A 19 15.85 30.41 -29.21
CA GLN A 19 15.91 28.94 -29.44
C GLN A 19 14.58 28.34 -28.96
N VAL A 20 13.72 27.87 -29.87
CA VAL A 20 12.37 27.39 -29.46
C VAL A 20 12.54 26.12 -28.63
N GLN A 21 11.71 25.96 -27.59
CA GLN A 21 11.64 24.72 -26.79
C GLN A 21 10.17 24.31 -26.65
N LEU A 22 9.85 23.05 -26.95
CA LEU A 22 8.48 22.54 -26.78
C LEU A 22 8.45 21.84 -25.44
N VAL A 23 7.59 22.31 -24.55
CA VAL A 23 7.50 21.81 -23.15
C VAL A 23 6.12 21.22 -22.95
N GLN A 24 6.10 19.92 -22.69
CA GLN A 24 4.85 19.14 -22.54
C GLN A 24 4.41 19.09 -21.08
N SER A 25 3.13 18.83 -20.88
CA SER A 25 2.56 18.57 -19.54
C SER A 25 3.07 17.25 -18.97
N GLY A 26 2.86 17.09 -17.66
CA GLY A 26 3.47 16.00 -16.90
C GLY A 26 2.83 14.63 -17.13
N ALA A 27 3.58 13.61 -16.76
CA ALA A 27 3.08 12.22 -16.73
C ALA A 27 1.82 12.10 -15.85
N GLU A 28 0.91 11.24 -16.25
CA GLU A 28 -0.34 11.02 -15.49
C GLU A 28 -0.83 9.59 -15.68
N VAL A 29 -1.51 9.09 -14.63
CA VAL A 29 -2.27 7.84 -14.69
C VAL A 29 -3.70 8.24 -15.07
N ARG A 30 -4.32 7.42 -15.89
CA ARG A 30 -5.74 7.60 -16.29
C ARG A 30 -6.41 6.24 -16.25
N LYS A 31 -7.66 6.20 -15.76
CA LYS A 31 -8.41 4.94 -15.69
C LYS A 31 -8.79 4.47 -17.08
N PRO A 32 -8.89 3.15 -17.27
CA PRO A 32 -9.43 2.58 -18.50
C PRO A 32 -10.81 3.19 -18.79
N GLY A 33 -11.02 3.58 -20.05
CA GLY A 33 -12.25 4.21 -20.54
C GLY A 33 -12.27 5.73 -20.44
N SER A 34 -11.36 6.34 -19.69
CA SER A 34 -11.28 7.79 -19.52
C SER A 34 -10.58 8.41 -20.74
N SER A 35 -10.45 9.72 -20.72
CA SER A 35 -9.70 10.49 -21.74
C SER A 35 -8.45 11.09 -21.09
N VAL A 36 -7.49 11.47 -21.92
CA VAL A 36 -6.33 12.25 -21.43
C VAL A 36 -6.17 13.45 -22.36
N LYS A 37 -5.91 14.61 -21.80
CA LYS A 37 -5.51 15.79 -22.60
C LYS A 37 -4.08 16.14 -22.23
N ILE A 38 -3.21 16.21 -23.22
CA ILE A 38 -1.77 16.55 -23.07
C ILE A 38 -1.56 17.88 -23.76
N SER A 39 -0.79 18.77 -23.14
CA SER A 39 -0.43 20.06 -23.70
C SER A 39 1.06 20.08 -24.05
N CYS A 40 1.36 20.95 -24.99
CA CYS A 40 2.70 21.19 -25.57
C CYS A 40 2.82 22.70 -25.75
N LYS A 41 3.69 23.36 -25.00
CA LYS A 41 3.78 24.84 -24.98
C LYS A 41 5.05 25.23 -25.72
N ALA A 42 4.99 26.15 -26.69
CA ALA A 42 6.18 26.68 -27.36
C ALA A 42 6.74 27.84 -26.50
N SER A 43 7.97 27.72 -26.01
CA SER A 43 8.71 28.87 -25.40
C SER A 43 9.82 29.26 -26.36
N GLY A 44 10.03 30.58 -26.54
CA GLY A 44 11.03 31.18 -27.44
C GLY A 44 10.58 31.08 -28.89
N GLY A 45 9.28 30.90 -29.07
CA GLY A 45 8.77 30.63 -30.40
C GLY A 45 7.27 30.44 -30.34
N THR A 46 6.69 30.15 -31.47
CA THR A 46 5.21 30.07 -31.57
C THR A 46 4.86 28.85 -32.43
N PHE A 47 3.57 28.58 -32.57
CA PHE A 47 3.04 27.56 -33.49
C PHE A 47 2.36 28.24 -34.67
N ASN A 48 2.69 29.49 -34.96
CA ASN A 48 1.85 30.30 -35.88
C ASN A 48 2.09 30.04 -37.39
N ASN A 49 3.23 29.47 -37.78
N ASN A 49 3.25 29.50 -37.80
CA ASN A 49 3.59 29.24 -39.19
CA ASN A 49 3.57 29.24 -39.22
C ASN A 49 4.15 27.81 -39.32
C ASN A 49 4.10 27.80 -39.37
N TYR A 50 3.51 26.87 -38.63
CA TYR A 50 4.04 25.49 -38.45
C TYR A 50 2.92 24.46 -38.53
N ALA A 51 3.33 23.23 -38.85
CA ALA A 51 2.47 22.02 -38.71
C ALA A 51 2.88 21.34 -37.42
N LEU A 52 1.88 20.84 -36.69
CA LEU A 52 1.97 20.45 -35.28
C LEU A 52 1.49 18.99 -35.21
N SER A 53 2.40 18.05 -35.03
CA SER A 53 2.08 16.60 -34.96
C SER A 53 2.13 16.08 -33.53
N TRP A 54 1.40 14.99 -33.28
CA TRP A 54 1.66 14.13 -32.11
C TRP A 54 2.11 12.75 -32.57
N VAL A 55 3.10 12.22 -31.86
CA VAL A 55 3.74 10.95 -32.19
C VAL A 55 3.82 10.14 -30.90
N ARG A 56 3.44 8.89 -30.92
CA ARG A 56 3.57 8.15 -29.64
C ARG A 56 4.52 6.97 -29.81
N GLN A 57 4.93 6.50 -28.66
CA GLN A 57 5.92 5.43 -28.52
C GLN A 57 5.50 4.56 -27.32
N ALA A 58 4.86 3.45 -27.63
CA ALA A 58 4.50 2.43 -26.62
C ALA A 58 5.82 1.80 -26.16
N PRO A 59 5.86 1.27 -24.93
CA PRO A 59 7.10 0.77 -24.33
C PRO A 59 7.79 -0.27 -25.20
N GLY A 60 9.09 -0.02 -25.42
CA GLY A 60 9.96 -0.82 -26.29
C GLY A 60 9.55 -0.82 -27.76
N GLN A 61 8.60 0.01 -28.22
CA GLN A 61 8.16 0.00 -29.63
C GLN A 61 8.67 1.26 -30.37
N GLY A 62 8.30 1.34 -31.63
CA GLY A 62 8.74 2.40 -32.55
C GLY A 62 7.88 3.64 -32.41
N LEU A 63 8.27 4.66 -33.13
CA LEU A 63 7.48 5.92 -33.24
C LEU A 63 6.25 5.65 -34.12
N ASP A 64 5.11 6.14 -33.70
CA ASP A 64 3.82 5.94 -34.38
C ASP A 64 3.15 7.32 -34.55
N TRP A 65 3.08 7.81 -35.77
CA TRP A 65 2.48 9.13 -36.04
C TRP A 65 0.94 9.07 -35.82
N MET A 66 0.38 10.02 -35.06
CA MET A 66 -1.04 10.01 -34.66
C MET A 66 -1.85 10.94 -35.55
N GLY A 67 -1.33 12.13 -35.82
CA GLY A 67 -2.11 13.16 -36.53
C GLY A 67 -1.39 14.49 -36.46
N GLU A 68 -1.93 15.47 -37.16
CA GLU A 68 -1.28 16.79 -37.31
C GLU A 68 -2.36 17.83 -37.55
N ILE A 69 -2.11 19.05 -37.08
CA ILE A 69 -2.91 20.22 -37.51
C ILE A 69 -1.94 21.30 -37.98
N THR A 70 -2.39 22.09 -38.92
CA THR A 70 -1.64 23.26 -39.41
C THR A 70 -2.52 24.49 -39.26
N PRO A 71 -2.46 25.18 -38.10
CA PRO A 71 -3.39 26.28 -37.84
C PRO A 71 -3.38 27.39 -38.90
N ILE A 72 -2.21 27.72 -39.43
CA ILE A 72 -2.07 28.80 -40.46
C ILE A 72 -2.94 28.50 -41.68
N PHE A 73 -3.22 27.21 -41.97
CA PHE A 73 -4.02 26.80 -43.13
C PHE A 73 -5.33 26.18 -42.70
N GLY A 74 -5.57 26.12 -41.39
CA GLY A 74 -6.81 25.52 -40.85
C GLY A 74 -6.99 24.08 -41.30
N THR A 75 -5.93 23.27 -41.40
CA THR A 75 -6.04 21.88 -41.88
C THR A 75 -5.80 20.91 -40.73
N GLU A 76 -6.27 19.70 -40.92
CA GLU A 76 -6.13 18.62 -39.91
C GLU A 76 -6.05 17.31 -40.65
N LYS A 77 -5.37 16.34 -40.06
CA LYS A 77 -5.31 14.97 -40.62
C LYS A 77 -4.92 14.02 -39.51
N TYR A 78 -5.44 12.80 -39.59
CA TYR A 78 -5.23 11.79 -38.54
C TYR A 78 -4.93 10.45 -39.18
N ALA A 79 -4.10 9.69 -38.51
CA ALA A 79 -3.79 8.31 -38.92
C ALA A 79 -5.05 7.47 -38.76
N GLN A 80 -5.28 6.54 -39.68
CA GLN A 80 -6.51 5.72 -39.68
C GLN A 80 -6.65 5.00 -38.33
N LYS A 81 -5.57 4.50 -37.74
CA LYS A 81 -5.72 3.73 -36.47
C LYS A 81 -6.14 4.62 -35.29
N PHE A 82 -6.11 5.96 -35.41
CA PHE A 82 -6.51 6.94 -34.37
C PHE A 82 -7.70 7.84 -34.77
N GLN A 83 -8.12 7.81 -36.04
CA GLN A 83 -9.32 8.52 -36.53
C GLN A 83 -10.44 8.29 -35.51
N GLY A 84 -11.01 9.39 -35.02
CA GLY A 84 -12.15 9.36 -34.08
C GLY A 84 -11.64 9.51 -32.67
N ARG A 85 -10.58 8.78 -32.28
CA ARG A 85 -10.23 8.68 -30.85
C ARG A 85 -9.29 9.82 -30.42
N VAL A 86 -8.56 10.40 -31.38
CA VAL A 86 -7.53 11.45 -31.09
C VAL A 86 -8.08 12.74 -31.69
N THR A 87 -8.02 13.83 -30.92
CA THR A 87 -8.31 15.18 -31.44
C THR A 87 -7.17 16.10 -31.04
N ILE A 88 -6.65 16.81 -32.03
CA ILE A 88 -5.52 17.75 -31.88
C ILE A 88 -6.07 19.17 -32.07
N THR A 89 -5.74 20.09 -31.17
CA THR A 89 -6.24 21.48 -31.20
C THR A 89 -5.10 22.43 -30.85
N ALA A 90 -5.23 23.69 -31.24
CA ALA A 90 -4.25 24.73 -30.91
C ALA A 90 -4.93 25.97 -30.35
N ASP A 91 -4.25 26.57 -29.39
CA ASP A 91 -4.57 27.91 -28.87
C ASP A 91 -3.37 28.81 -29.07
N GLU A 92 -3.31 29.51 -30.19
CA GLU A 92 -2.12 30.32 -30.52
C GLU A 92 -1.97 31.44 -29.50
N SER A 93 -3.07 31.84 -28.84
CA SER A 93 -3.05 33.01 -27.92
C SER A 93 -2.19 32.70 -26.70
N THR A 94 -1.97 31.42 -26.39
CA THR A 94 -1.15 30.93 -25.27
C THR A 94 -0.03 30.03 -25.79
N ASN A 95 0.21 30.06 -27.11
CA ASN A 95 1.25 29.25 -27.78
C ASN A 95 1.17 27.80 -27.31
N THR A 96 -0.03 27.22 -27.24
CA THR A 96 -0.24 25.90 -26.64
C THR A 96 -0.94 24.99 -27.67
N LEU A 97 -0.41 23.79 -27.85
CA LEU A 97 -0.96 22.71 -28.69
C LEU A 97 -1.51 21.64 -27.74
N TYR A 98 -2.62 21.00 -28.10
CA TYR A 98 -3.20 19.92 -27.26
C TYR A 98 -3.45 18.65 -28.06
N MET A 99 -3.39 17.51 -27.38
CA MET A 99 -3.98 16.28 -27.93
C MET A 99 -4.90 15.72 -26.86
N ASP A 100 -6.05 15.25 -27.29
CA ASP A 100 -7.02 14.54 -26.44
C ASP A 100 -7.21 13.15 -27.01
N LEU A 101 -6.99 12.11 -26.21
CA LEU A 101 -7.19 10.72 -26.65
C LEU A 101 -8.26 10.13 -25.74
N SER A 102 -9.32 9.59 -26.33
CA SER A 102 -10.49 9.11 -25.55
C SER A 102 -10.50 7.58 -25.51
N SER A 103 -11.35 7.02 -24.63
CA SER A 103 -11.62 5.56 -24.50
C SER A 103 -10.30 4.82 -24.28
N LEU A 104 -9.54 5.26 -23.29
CA LEU A 104 -8.17 4.73 -23.07
C LEU A 104 -8.23 3.25 -22.70
N ARG A 105 -7.29 2.48 -23.23
CA ARG A 105 -7.04 1.05 -22.95
C ARG A 105 -5.56 0.89 -22.56
N SER A 106 -5.20 -0.24 -21.96
CA SER A 106 -3.79 -0.49 -21.54
C SER A 106 -2.85 -0.32 -22.74
N GLU A 107 -3.30 -0.64 -23.96
CA GLU A 107 -2.54 -0.49 -25.22
C GLU A 107 -2.17 0.98 -25.46
N ASP A 108 -2.84 1.92 -24.81
CA ASP A 108 -2.58 3.37 -25.03
C ASP A 108 -1.52 3.86 -24.05
N SER A 109 -1.09 3.02 -23.09
CA SER A 109 0.05 3.39 -22.22
C SER A 109 1.28 3.57 -23.10
N ALA A 110 1.85 4.76 -23.06
CA ALA A 110 2.92 5.16 -24.00
C ALA A 110 3.43 6.57 -23.67
N VAL A 111 4.57 6.89 -24.26
CA VAL A 111 5.09 8.27 -24.28
C VAL A 111 4.49 8.95 -25.52
N TYR A 112 3.96 10.12 -25.31
CA TYR A 112 3.35 10.96 -26.37
C TYR A 112 4.27 12.15 -26.59
N TYR A 113 4.69 12.39 -27.83
CA TYR A 113 5.57 13.53 -28.18
C TYR A 113 4.82 14.51 -29.07
N CYS A 114 4.91 15.80 -28.79
CA CYS A 114 4.59 16.82 -29.82
C CYS A 114 5.83 17.04 -30.69
N ALA A 115 5.60 17.33 -31.96
CA ALA A 115 6.67 17.55 -32.93
C ALA A 115 6.24 18.66 -33.85
N ARG A 116 7.14 19.61 -34.07
CA ARG A 116 6.83 20.76 -34.90
C ARG A 116 7.64 20.69 -36.19
N ARG A 117 7.00 21.06 -37.29
CA ARG A 117 7.72 21.20 -38.57
C ARG A 117 7.22 22.45 -39.30
N GLY A 118 8.01 22.94 -40.24
CA GLY A 118 7.52 24.00 -41.13
C GLY A 118 6.18 23.68 -41.79
N TYR A 119 5.40 24.73 -42.10
CA TYR A 119 4.13 24.62 -42.86
C TYR A 119 4.41 24.03 -44.25
N ILE A 120 5.61 24.25 -44.78
CA ILE A 120 5.87 23.94 -46.21
C ILE A 120 5.81 22.43 -46.42
N TYR A 121 5.22 22.03 -47.54
CA TYR A 121 5.17 20.63 -48.00
C TYR A 121 6.51 19.92 -47.83
N GLY A 122 6.50 18.72 -47.24
CA GLY A 122 7.64 17.83 -47.15
C GLY A 122 8.54 18.08 -45.97
N SER A 123 8.29 19.12 -45.15
CA SER A 123 9.24 19.55 -44.09
C SER A 123 9.46 18.44 -43.06
N PRO A 124 10.66 18.37 -42.46
CA PRO A 124 10.96 17.42 -41.39
C PRO A 124 10.62 17.95 -39.99
N PHE A 125 10.50 17.04 -39.01
CA PHE A 125 10.28 17.43 -37.60
C PHE A 125 11.60 17.87 -37.00
N ASP A 126 11.83 19.18 -36.94
CA ASP A 126 13.11 19.70 -36.41
C ASP A 126 13.00 20.04 -34.92
N TYR A 127 11.82 20.15 -34.33
CA TYR A 127 11.64 20.39 -32.86
C TYR A 127 10.70 19.33 -32.29
N TRP A 128 11.07 18.81 -31.14
CA TRP A 128 10.28 17.77 -30.42
C TRP A 128 10.14 18.17 -28.95
N GLY A 129 8.98 17.89 -28.38
CA GLY A 129 8.81 17.98 -26.93
C GLY A 129 9.58 16.89 -26.20
N GLN A 130 9.57 16.95 -24.87
CA GLN A 130 10.37 15.99 -24.07
C GLN A 130 9.58 14.69 -23.91
N GLY A 131 8.30 14.67 -24.27
CA GLY A 131 7.46 13.47 -24.13
C GLY A 131 6.68 13.46 -22.82
N THR A 132 5.51 12.82 -22.85
CA THR A 132 4.58 12.73 -21.70
C THR A 132 4.22 11.27 -21.58
N LEU A 133 4.54 10.64 -20.45
CA LEU A 133 4.17 9.22 -20.24
C LEU A 133 2.75 9.17 -19.67
N VAL A 134 1.83 8.58 -20.44
CA VAL A 134 0.46 8.26 -19.98
C VAL A 134 0.42 6.79 -19.60
N THR A 135 0.00 6.54 -18.36
CA THR A 135 -0.18 5.17 -17.83
C THR A 135 -1.67 4.94 -17.67
N VAL A 136 -2.18 3.96 -18.39
CA VAL A 136 -3.62 3.56 -18.27
C VAL A 136 -3.72 2.42 -17.24
N SER A 137 -4.30 2.74 -16.11
CA SER A 137 -4.39 1.82 -14.95
C SER A 137 -5.50 2.27 -14.03
N SER A 138 -6.03 1.34 -13.22
CA SER A 138 -7.00 1.64 -12.15
CA SER A 138 -7.01 1.65 -12.16
C SER A 138 -6.28 1.95 -10.84
N ALA A 139 -4.95 1.76 -10.80
CA ALA A 139 -4.18 1.93 -9.54
C ALA A 139 -4.05 3.41 -9.20
N SER A 140 -3.84 3.70 -7.92
CA SER A 140 -3.74 5.08 -7.40
C SER A 140 -2.32 5.57 -7.63
N THR A 141 -2.17 6.87 -7.77
CA THR A 141 -0.88 7.61 -7.65
C THR A 141 -0.33 7.43 -6.23
N LYS A 142 0.98 7.19 -6.13
CA LYS A 142 1.67 6.96 -4.83
C LYS A 142 3.10 7.46 -4.96
N GLY A 143 3.51 8.31 -4.03
CA GLY A 143 4.89 8.86 -4.02
C GLY A 143 5.85 7.83 -3.44
N PRO A 144 7.13 7.90 -3.81
CA PRO A 144 8.10 6.92 -3.33
C PRO A 144 8.61 7.23 -1.92
N SER A 145 9.25 6.22 -1.35
CA SER A 145 10.18 6.41 -0.21
C SER A 145 11.58 6.35 -0.81
N VAL A 146 12.50 7.16 -0.30
CA VAL A 146 13.87 7.26 -0.83
C VAL A 146 14.86 6.81 0.24
N PHE A 147 15.59 5.75 -0.04
CA PHE A 147 16.54 5.17 0.94
C PHE A 147 17.95 5.26 0.39
N PRO A 148 18.96 5.54 1.23
CA PRO A 148 20.34 5.56 0.76
C PRO A 148 20.94 4.17 0.52
N LEU A 149 21.76 4.11 -0.52
CA LEU A 149 22.53 2.87 -0.83
C LEU A 149 23.98 3.22 -0.51
N ALA A 150 24.49 2.66 0.56
CA ALA A 150 25.85 3.03 0.96
C ALA A 150 26.59 1.78 1.37
N PRO A 151 27.89 1.77 1.09
CA PRO A 151 28.67 0.59 1.36
C PRO A 151 28.92 0.28 2.82
N SER A 152 29.19 -0.99 3.11
CA SER A 152 29.73 -1.29 4.45
C SER A 152 31.04 -0.49 4.50
N SER A 153 31.40 0.10 5.64
CA SER A 153 32.61 0.98 5.68
C SER A 153 33.84 0.29 5.08
N LYS A 154 34.00 -1.01 5.30
CA LYS A 154 35.15 -1.74 4.71
C LYS A 154 35.09 -1.71 3.18
N SER A 155 33.91 -1.69 2.58
CA SER A 155 33.77 -1.58 1.10
C SER A 155 34.45 -0.28 0.57
N THR A 156 34.53 0.81 1.36
CA THR A 156 35.19 2.08 0.97
C THR A 156 36.73 1.99 1.09
N SER A 157 37.24 1.08 1.92
CA SER A 157 38.69 0.87 2.17
C SER A 157 39.41 0.53 0.85
N GLY A 158 38.64 0.09 -0.14
CA GLY A 158 39.13 -0.32 -1.47
C GLY A 158 39.71 0.84 -2.25
N GLY A 159 39.08 2.03 -2.22
CA GLY A 159 39.51 3.17 -3.06
C GLY A 159 38.39 3.70 -3.95
N THR A 160 37.45 2.86 -4.38
CA THR A 160 36.25 3.35 -5.13
C THR A 160 35.03 3.14 -4.25
N ALA A 161 34.23 4.19 -4.11
CA ALA A 161 32.97 4.13 -3.34
C ALA A 161 31.84 4.19 -4.36
N ALA A 162 30.91 3.25 -4.25
CA ALA A 162 29.62 3.38 -4.96
C ALA A 162 28.61 3.86 -3.92
N LEU A 163 27.85 4.89 -4.28
CA LEU A 163 26.77 5.45 -3.45
C LEU A 163 25.51 5.37 -4.31
N GLY A 164 24.36 5.32 -3.70
CA GLY A 164 23.13 5.40 -4.51
C GLY A 164 21.94 5.76 -3.66
N CYS A 165 20.80 5.85 -4.33
CA CYS A 165 19.47 6.00 -3.71
C CYS A 165 18.56 4.95 -4.32
N LEU A 166 17.80 4.31 -3.45
CA LEU A 166 16.75 3.35 -3.83
C LEU A 166 15.43 4.08 -3.69
N VAL A 167 14.71 4.22 -4.81
CA VAL A 167 13.48 5.02 -4.94
C VAL A 167 12.35 4.01 -5.05
N LYS A 168 11.71 3.73 -3.91
CA LYS A 168 10.90 2.50 -3.77
C LYS A 168 9.40 2.82 -3.65
N ASP A 169 8.59 2.03 -4.36
CA ASP A 169 7.14 1.94 -4.15
C ASP A 169 6.46 3.22 -4.61
N TYR A 170 6.56 3.54 -5.90
CA TYR A 170 5.84 4.67 -6.52
C TYR A 170 5.01 4.18 -7.71
N PHE A 171 4.03 5.02 -8.04
CA PHE A 171 3.15 4.76 -9.19
C PHE A 171 2.50 6.11 -9.53
N PRO A 172 2.38 6.49 -10.82
CA PRO A 172 3.03 5.77 -11.89
C PRO A 172 4.46 6.23 -12.20
N GLU A 173 5.02 5.71 -13.27
CA GLU A 173 6.30 6.24 -13.75
C GLU A 173 6.02 7.64 -14.32
N PRO A 174 7.01 8.55 -14.43
CA PRO A 174 8.34 8.33 -13.92
C PRO A 174 8.82 9.13 -12.71
N VAL A 175 10.02 8.77 -12.25
CA VAL A 175 10.70 9.58 -11.22
C VAL A 175 11.99 10.09 -11.89
N THR A 176 12.45 11.27 -11.47
CA THR A 176 13.75 11.76 -11.93
C THR A 176 14.73 11.77 -10.74
N VAL A 177 15.99 11.46 -11.03
CA VAL A 177 17.04 11.49 -9.98
C VAL A 177 18.23 12.33 -10.45
N SER A 178 18.58 13.35 -9.70
CA SER A 178 19.84 14.09 -9.95
C SER A 178 20.73 13.89 -8.72
N TRP A 179 22.00 14.26 -8.85
CA TRP A 179 22.99 14.17 -7.77
C TRP A 179 23.59 15.55 -7.56
N ASN A 180 23.65 15.96 -6.30
CA ASN A 180 24.24 17.26 -5.90
C ASN A 180 23.66 18.37 -6.80
N SER A 181 22.34 18.34 -6.94
CA SER A 181 21.53 19.34 -7.66
C SER A 181 21.96 19.44 -9.13
N GLY A 182 22.50 18.35 -9.69
CA GLY A 182 22.93 18.29 -11.10
C GLY A 182 24.38 18.65 -11.30
N ALA A 183 25.12 19.03 -10.24
CA ALA A 183 26.58 19.24 -10.32
C ALA A 183 27.30 17.91 -10.56
N LEU A 184 26.75 16.74 -10.15
CA LEU A 184 27.46 15.45 -10.27
C LEU A 184 26.74 14.63 -11.34
N THR A 185 27.41 14.38 -12.45
CA THR A 185 26.85 13.64 -13.61
C THR A 185 27.78 12.50 -14.01
N SER A 186 29.08 12.69 -13.87
CA SER A 186 30.11 11.67 -14.20
C SER A 186 29.93 10.42 -13.35
N GLY A 187 29.76 9.26 -13.99
CA GLY A 187 29.71 7.97 -13.28
C GLY A 187 28.32 7.69 -12.72
N VAL A 188 27.32 8.49 -13.07
CA VAL A 188 25.94 8.25 -12.56
C VAL A 188 25.33 7.20 -13.47
N HIS A 189 24.66 6.23 -12.87
CA HIS A 189 23.80 5.27 -13.58
C HIS A 189 22.42 5.27 -12.91
N THR A 190 21.41 5.78 -13.61
CA THR A 190 20.02 5.66 -13.12
C THR A 190 19.37 4.53 -13.89
N PHE A 191 18.98 3.50 -13.19
CA PHE A 191 18.52 2.22 -13.79
C PHE A 191 17.09 2.35 -14.27
N PRO A 192 16.67 1.55 -15.26
CA PRO A 192 15.26 1.41 -15.55
C PRO A 192 14.46 0.98 -14.33
N ALA A 193 13.28 1.57 -14.13
CA ALA A 193 12.36 1.10 -13.07
C ALA A 193 12.02 -0.37 -13.30
N VAL A 194 11.77 -1.09 -12.22
CA VAL A 194 11.20 -2.47 -12.27
C VAL A 194 9.84 -2.42 -11.60
N LEU A 195 8.88 -3.11 -12.22
CA LEU A 195 7.53 -3.28 -11.66
C LEU A 195 7.58 -4.44 -10.66
N GLN A 196 7.32 -4.16 -9.39
CA GLN A 196 7.37 -5.17 -8.31
C GLN A 196 6.05 -5.93 -8.35
N SER A 197 5.98 -7.06 -7.65
CA SER A 197 4.75 -7.89 -7.56
C SER A 197 3.60 -7.10 -6.92
N SER A 198 3.91 -6.08 -6.13
CA SER A 198 2.92 -5.16 -5.50
C SER A 198 2.23 -4.32 -6.57
N GLY A 199 2.82 -4.21 -7.78
CA GLY A 199 2.27 -3.34 -8.83
C GLY A 199 2.80 -1.93 -8.65
N LEU A 200 3.76 -1.74 -7.75
CA LEU A 200 4.43 -0.43 -7.59
C LEU A 200 5.80 -0.55 -8.25
N TYR A 201 6.35 0.58 -8.68
CA TYR A 201 7.69 0.64 -9.28
C TYR A 201 8.75 0.89 -8.20
N SER A 202 9.96 0.45 -8.51
CA SER A 202 11.19 0.76 -7.74
C SER A 202 12.27 1.12 -8.76
N LEU A 203 13.14 2.03 -8.38
CA LEU A 203 14.28 2.36 -9.24
C LEU A 203 15.49 2.57 -8.34
N SER A 204 16.69 2.26 -8.82
CA SER A 204 17.96 2.67 -8.16
C SER A 204 18.75 3.64 -9.03
N SER A 205 19.41 4.61 -8.41
CA SER A 205 20.42 5.46 -9.05
C SER A 205 21.70 5.31 -8.24
N VAL A 206 22.82 5.15 -8.94
CA VAL A 206 24.12 4.94 -8.27
C VAL A 206 25.13 5.86 -8.92
N VAL A 207 26.19 6.14 -8.16
CA VAL A 207 27.34 6.87 -8.70
C VAL A 207 28.57 6.26 -8.07
N THR A 208 29.68 6.21 -8.82
CA THR A 208 30.99 5.84 -8.26
C THR A 208 31.84 7.10 -8.14
N VAL A 209 32.52 7.17 -7.02
CA VAL A 209 33.38 8.33 -6.66
C VAL A 209 34.61 7.79 -5.96
N PRO A 210 35.71 8.58 -5.93
CA PRO A 210 36.86 8.20 -5.13
C PRO A 210 36.46 8.12 -3.65
N SER A 211 36.82 7.04 -2.97
CA SER A 211 36.43 6.84 -1.54
C SER A 211 36.76 8.08 -0.71
N SER A 212 37.95 8.67 -0.89
CA SER A 212 38.40 9.83 -0.09
C SER A 212 37.43 11.02 -0.18
N SER A 213 36.69 11.16 -1.28
N SER A 213 36.66 11.17 -1.26
CA SER A 213 35.74 12.27 -1.49
CA SER A 213 35.75 12.32 -1.43
C SER A 213 34.61 12.20 -0.45
C SER A 213 34.59 12.23 -0.42
N LEU A 214 34.34 11.02 0.10
N LEU A 214 34.31 11.06 0.14
CA LEU A 214 33.37 10.81 1.21
CA LEU A 214 33.28 10.92 1.21
C LEU A 214 33.73 11.76 2.37
C LEU A 214 33.72 11.72 2.44
N GLY A 215 35.02 12.00 2.57
CA GLY A 215 35.55 12.81 3.68
C GLY A 215 35.49 14.32 3.42
N THR A 216 35.29 14.77 2.18
CA THR A 216 35.51 16.19 1.80
C THR A 216 34.27 16.86 1.22
N GLN A 217 33.18 16.12 0.97
CA GLN A 217 31.94 16.75 0.50
C GLN A 217 30.73 15.87 0.80
N THR A 218 29.55 16.44 0.65
CA THR A 218 28.29 15.68 0.75
C THR A 218 27.95 15.10 -0.63
N TYR A 219 27.21 14.00 -0.60
CA TYR A 219 26.54 13.37 -1.75
C TYR A 219 25.06 13.28 -1.42
N ILE A 220 24.26 13.99 -2.20
CA ILE A 220 22.79 14.08 -2.02
C ILE A 220 22.10 13.67 -3.31
N CYS A 221 21.13 12.78 -3.25
CA CYS A 221 20.29 12.47 -4.43
C CYS A 221 19.01 13.28 -4.35
N ASN A 222 18.69 13.93 -5.46
CA ASN A 222 17.51 14.80 -5.62
C ASN A 222 16.46 13.97 -6.36
N VAL A 223 15.38 13.57 -5.70
CA VAL A 223 14.37 12.70 -6.36
C VAL A 223 13.11 13.55 -6.58
N ASN A 224 12.49 13.44 -7.75
CA ASN A 224 11.19 14.11 -8.04
C ASN A 224 10.26 13.05 -8.63
N HIS A 225 9.08 12.90 -8.00
CA HIS A 225 7.94 12.13 -8.56
C HIS A 225 6.79 13.11 -8.78
N LYS A 226 6.73 13.71 -9.96
CA LYS A 226 5.81 14.83 -10.22
C LYS A 226 4.37 14.33 -10.12
N PRO A 227 4.02 13.10 -10.61
CA PRO A 227 2.63 12.67 -10.50
C PRO A 227 2.05 12.80 -9.09
N SER A 228 2.87 12.65 -8.05
CA SER A 228 2.45 12.74 -6.63
C SER A 228 2.94 14.02 -5.95
N ASN A 229 3.64 14.92 -6.65
CA ASN A 229 4.26 16.17 -6.10
C ASN A 229 5.18 15.79 -4.93
N THR A 230 5.88 14.65 -5.03
CA THR A 230 6.84 14.21 -3.99
C THR A 230 8.23 14.66 -4.43
N LYS A 231 8.90 15.49 -3.63
CA LYS A 231 10.29 15.95 -3.86
C LYS A 231 11.12 15.60 -2.62
N VAL A 232 12.20 14.84 -2.78
CA VAL A 232 12.99 14.35 -1.60
C VAL A 232 14.47 14.59 -1.94
N ASP A 233 15.23 15.13 -1.00
CA ASP A 233 16.72 15.20 -1.10
C ASP A 233 17.21 14.30 0.02
N LYS A 234 18.14 13.42 -0.30
CA LYS A 234 18.59 12.45 0.70
C LYS A 234 20.11 12.44 0.66
N ARG A 235 20.74 12.78 1.77
CA ARG A 235 22.19 12.61 1.84
C ARG A 235 22.52 11.13 1.99
N VAL A 236 23.53 10.69 1.26
CA VAL A 236 23.98 9.28 1.28
C VAL A 236 25.28 9.20 2.08
N GLU A 237 25.28 8.35 3.10
CA GLU A 237 26.36 8.16 4.11
C GLU A 237 26.48 6.68 4.45
N PRO A 238 27.70 6.07 4.40
CA PRO A 238 27.89 4.69 4.85
C PRO A 238 27.60 4.47 6.34
N ASP B 22 -1.63 3.91 -47.59
CA ASP B 22 -0.53 4.55 -46.80
C ASP B 22 0.82 4.13 -47.40
N VAL B 23 1.82 4.99 -47.29
CA VAL B 23 3.21 4.64 -47.67
C VAL B 23 3.82 3.89 -46.50
N LEU B 24 4.23 2.64 -46.72
CA LEU B 24 4.83 1.78 -45.67
C LEU B 24 6.36 1.89 -45.76
N MET B 25 7.01 2.16 -44.62
CA MET B 25 8.48 2.33 -44.52
C MET B 25 9.07 1.14 -43.79
N THR B 26 10.01 0.49 -44.45
CA THR B 26 10.66 -0.74 -43.93
C THR B 26 12.15 -0.49 -43.79
N GLN B 27 12.65 -0.65 -42.58
CA GLN B 27 14.10 -0.51 -42.30
C GLN B 27 14.76 -1.88 -42.13
N SER B 28 16.01 -1.98 -42.58
CA SER B 28 16.88 -3.15 -42.40
C SER B 28 18.30 -2.69 -42.10
N PRO B 29 19.05 -3.39 -41.22
CA PRO B 29 18.50 -4.48 -40.41
C PRO B 29 17.70 -3.87 -39.26
N SER B 30 17.10 -4.69 -38.39
CA SER B 30 16.32 -4.20 -37.24
C SER B 30 17.30 -3.87 -36.11
N SER B 31 18.45 -4.54 -36.07
CA SER B 31 19.56 -4.22 -35.14
C SER B 31 20.89 -4.62 -35.76
N LEU B 32 21.94 -3.93 -35.35
CA LEU B 32 23.30 -4.28 -35.77
C LEU B 32 24.28 -3.94 -34.66
N SER B 33 25.36 -4.69 -34.67
CA SER B 33 26.50 -4.57 -33.74
C SER B 33 27.74 -4.24 -34.54
N ALA B 34 28.43 -3.15 -34.25
CA ALA B 34 29.67 -2.76 -34.96
C ALA B 34 30.74 -2.26 -34.00
N SER B 35 31.98 -2.25 -34.46
CA SER B 35 33.13 -1.76 -33.68
C SER B 35 33.26 -0.25 -33.88
N VAL B 36 33.81 0.39 -32.87
CA VAL B 36 34.17 1.82 -32.98
C VAL B 36 35.06 1.96 -34.20
N GLY B 37 34.74 2.94 -35.05
CA GLY B 37 35.49 3.27 -36.28
C GLY B 37 34.98 2.51 -37.50
N ASP B 38 34.02 1.60 -37.34
CA ASP B 38 33.45 0.81 -38.47
C ASP B 38 32.54 1.72 -39.30
N ARG B 39 32.44 1.40 -40.59
CA ARG B 39 31.43 1.97 -41.52
C ARG B 39 30.14 1.18 -41.34
N VAL B 40 29.06 1.87 -40.98
CA VAL B 40 27.71 1.29 -40.76
C VAL B 40 26.75 1.88 -41.78
N THR B 41 25.99 1.05 -42.45
CA THR B 41 24.95 1.49 -43.40
C THR B 41 23.64 0.88 -42.93
N ILE B 42 22.59 1.69 -42.85
CA ILE B 42 21.22 1.20 -42.58
CA ILE B 42 21.21 1.17 -42.59
C ILE B 42 20.33 1.59 -43.76
N SER B 43 19.40 0.71 -44.09
CA SER B 43 18.50 0.86 -45.25
C SER B 43 17.08 1.17 -44.81
N CYS B 44 16.44 1.93 -45.67
CA CYS B 44 15.03 2.34 -45.57
C CYS B 44 14.42 2.26 -46.97
N ARG B 45 13.34 1.50 -47.07
CA ARG B 45 12.60 1.32 -48.33
C ARG B 45 11.15 1.75 -48.13
N ALA B 46 10.64 2.54 -49.07
CA ALA B 46 9.24 2.97 -49.13
C ALA B 46 8.46 2.05 -50.10
N SER B 47 7.19 1.83 -49.84
CA SER B 47 6.31 0.96 -50.67
C SER B 47 5.86 1.69 -51.92
N GLN B 48 5.95 3.02 -51.95
CA GLN B 48 5.69 3.88 -53.12
C GLN B 48 6.81 4.91 -53.20
N SER B 49 7.03 5.48 -54.38
CA SER B 49 8.03 6.54 -54.64
C SER B 49 7.69 7.79 -53.82
N ILE B 50 8.68 8.29 -53.07
CA ILE B 50 8.50 9.44 -52.13
C ILE B 50 9.49 10.52 -52.54
N SER B 51 9.99 10.47 -53.78
CA SER B 51 10.94 11.44 -54.34
C SER B 51 12.09 11.55 -53.33
N SER B 52 12.37 12.76 -52.86
CA SER B 52 13.48 13.04 -51.92
C SER B 52 12.95 13.19 -50.49
N PHE B 53 11.65 13.02 -50.21
CA PHE B 53 11.05 13.47 -48.92
C PHE B 53 11.17 12.37 -47.87
N LEU B 54 12.41 12.16 -47.42
CA LEU B 54 12.75 11.07 -46.48
C LEU B 54 13.68 11.65 -45.43
N ASN B 55 13.32 11.47 -44.17
CA ASN B 55 14.03 12.09 -43.02
C ASN B 55 14.54 10.99 -42.11
N TRP B 56 15.67 11.24 -41.44
CA TRP B 56 16.31 10.31 -40.48
C TRP B 56 16.39 11.00 -39.12
N TYR B 57 15.97 10.28 -38.10
CA TYR B 57 16.01 10.70 -36.68
C TYR B 57 16.86 9.72 -35.90
N GLN B 58 17.57 10.28 -34.93
CA GLN B 58 18.31 9.52 -33.89
C GLN B 58 17.57 9.60 -32.57
N GLN B 59 17.38 8.49 -31.88
CA GLN B 59 16.69 8.49 -30.56
C GLN B 59 17.49 7.65 -29.57
N LYS B 60 17.84 8.27 -28.46
CA LYS B 60 18.42 7.57 -27.28
C LYS B 60 17.32 7.25 -26.29
N PRO B 61 17.49 6.14 -25.52
CA PRO B 61 16.47 5.72 -24.55
C PRO B 61 16.05 6.86 -23.59
N GLY B 62 14.74 7.05 -23.47
CA GLY B 62 14.09 8.04 -22.59
C GLY B 62 14.24 9.47 -23.08
N LYS B 63 14.78 9.68 -24.30
CA LYS B 63 15.00 11.02 -24.91
C LYS B 63 14.10 11.17 -26.14
N ALA B 64 13.81 12.42 -26.51
CA ALA B 64 13.09 12.75 -27.75
C ALA B 64 13.98 12.41 -28.94
N PRO B 65 13.35 12.03 -30.05
CA PRO B 65 14.06 11.90 -31.32
C PRO B 65 14.72 13.23 -31.69
N LYS B 66 15.85 13.13 -32.41
CA LYS B 66 16.63 14.26 -32.96
C LYS B 66 16.74 14.12 -34.47
N LEU B 67 16.39 15.18 -35.20
CA LEU B 67 16.53 15.16 -36.67
C LEU B 67 18.03 15.18 -37.01
N LEU B 68 18.45 14.24 -37.85
CA LEU B 68 19.86 14.16 -38.34
C LEU B 68 19.87 14.63 -39.80
N ILE B 69 18.96 14.12 -40.62
CA ILE B 69 19.04 14.31 -42.11
C ILE B 69 17.62 14.54 -42.60
N SER B 70 17.44 15.49 -43.49
CA SER B 70 16.15 15.68 -44.19
C SER B 70 16.37 15.71 -45.69
N ALA B 71 15.29 15.54 -46.44
CA ALA B 71 15.40 15.57 -47.92
C ALA B 71 16.48 14.58 -48.36
N ALA B 72 16.46 13.39 -47.78
CA ALA B 72 17.28 12.19 -48.03
C ALA B 72 18.77 12.39 -47.68
N SER B 73 19.34 13.56 -47.90
CA SER B 73 20.83 13.77 -47.88
C SER B 73 21.23 15.05 -47.15
N SER B 74 20.33 15.92 -46.74
CA SER B 74 20.70 17.23 -46.13
CA SER B 74 20.69 17.23 -46.12
C SER B 74 20.91 17.08 -44.61
N LEU B 75 22.16 17.24 -44.15
CA LEU B 75 22.47 17.16 -42.72
C LEU B 75 21.89 18.37 -42.00
N SER B 76 21.24 18.15 -40.87
CA SER B 76 20.83 19.24 -39.95
C SER B 76 22.04 19.95 -39.33
N SER B 77 21.88 21.22 -38.94
CA SER B 77 23.05 21.97 -38.42
C SER B 77 23.49 21.29 -37.12
N GLY B 78 24.80 21.16 -36.90
CA GLY B 78 25.34 20.53 -35.68
C GLY B 78 25.62 19.06 -35.90
N VAL B 79 25.03 18.43 -36.93
CA VAL B 79 25.24 16.98 -37.13
C VAL B 79 26.63 16.74 -37.70
N PRO B 80 27.42 15.87 -37.07
CA PRO B 80 28.77 15.57 -37.57
C PRO B 80 28.80 14.91 -38.94
N SER B 81 29.85 15.18 -39.75
CA SER B 81 29.87 14.79 -41.18
C SER B 81 30.15 13.32 -41.34
N ARG B 82 30.41 12.58 -40.24
CA ARG B 82 30.43 11.11 -40.35
C ARG B 82 29.03 10.58 -40.72
N PHE B 83 27.97 11.37 -40.51
CA PHE B 83 26.61 10.99 -40.92
C PHE B 83 26.38 11.45 -42.35
N SER B 84 25.83 10.56 -43.17
CA SER B 84 25.40 10.91 -44.55
C SER B 84 24.12 10.11 -44.90
N GLY B 85 23.34 10.62 -45.84
CA GLY B 85 22.11 9.98 -46.34
C GLY B 85 22.12 9.95 -47.84
N SER B 86 21.63 8.88 -48.43
CA SER B 86 21.50 8.83 -49.91
C SER B 86 20.20 8.18 -50.31
N GLY B 87 19.79 8.45 -51.54
CA GLY B 87 18.68 7.72 -52.15
C GLY B 87 17.61 8.65 -52.63
N SER B 88 16.59 8.04 -53.25
CA SER B 88 15.45 8.75 -53.88
C SER B 88 14.46 7.66 -54.29
N GLY B 89 13.20 8.04 -54.53
CA GLY B 89 12.18 7.06 -54.92
C GLY B 89 11.79 6.14 -53.79
N THR B 90 12.28 4.90 -53.79
CA THR B 90 11.86 3.83 -52.88
C THR B 90 13.00 3.34 -52.00
N SER B 91 14.25 3.66 -52.32
CA SER B 91 15.42 3.07 -51.65
C SER B 91 16.33 4.16 -51.08
N PHE B 92 16.54 4.13 -49.76
CA PHE B 92 17.35 5.12 -49.02
C PHE B 92 18.34 4.39 -48.12
N THR B 93 19.42 5.08 -47.81
CA THR B 93 20.41 4.63 -46.82
C THR B 93 20.86 5.79 -45.94
N LEU B 94 21.16 5.45 -44.70
CA LEU B 94 21.92 6.31 -43.76
C LEU B 94 23.26 5.63 -43.53
N THR B 95 24.34 6.41 -43.57
CA THR B 95 25.71 5.88 -43.39
C THR B 95 26.41 6.64 -42.29
N ILE B 96 27.05 5.90 -41.38
CA ILE B 96 28.02 6.45 -40.41
C ILE B 96 29.39 5.96 -40.85
N SER B 97 30.23 6.87 -41.32
CA SER B 97 31.51 6.53 -41.98
C SER B 97 32.48 5.90 -40.98
N SER B 98 32.43 6.39 -39.73
CA SER B 98 33.30 5.99 -38.59
C SER B 98 32.45 5.96 -37.29
N LEU B 99 31.92 4.80 -36.93
CA LEU B 99 30.99 4.69 -35.78
C LEU B 99 31.69 5.16 -34.50
N GLN B 100 31.05 6.06 -33.77
CA GLN B 100 31.61 6.55 -32.48
C GLN B 100 30.74 6.08 -31.32
N PRO B 101 31.29 6.00 -30.10
CA PRO B 101 30.52 5.50 -28.96
C PRO B 101 29.19 6.24 -28.77
N GLU B 102 29.15 7.55 -29.02
CA GLU B 102 27.92 8.34 -28.76
C GLU B 102 26.87 8.11 -29.85
N ASP B 103 27.19 7.28 -30.86
CA ASP B 103 26.26 7.00 -31.97
C ASP B 103 25.31 5.85 -31.60
N VAL B 104 25.52 5.16 -30.48
CA VAL B 104 24.61 4.09 -30.04
C VAL B 104 23.24 4.74 -29.80
N ALA B 105 22.23 4.22 -30.46
CA ALA B 105 20.90 4.83 -30.56
C ALA B 105 20.01 3.93 -31.41
N THR B 106 18.73 4.24 -31.44
CA THR B 106 17.83 3.72 -32.49
C THR B 106 17.71 4.82 -33.54
N TYR B 107 17.77 4.44 -34.80
CA TYR B 107 17.60 5.35 -35.95
C TYR B 107 16.29 5.03 -36.65
N TYR B 108 15.53 6.06 -36.97
CA TYR B 108 14.21 5.93 -37.65
C TYR B 108 14.26 6.73 -38.93
N CYS B 109 13.76 6.14 -40.03
CA CYS B 109 13.44 6.92 -41.23
C CYS B 109 11.96 7.31 -41.18
N GLN B 110 11.59 8.30 -41.93
CA GLN B 110 10.20 8.83 -41.95
C GLN B 110 9.97 9.54 -43.28
N GLN B 111 8.87 9.18 -43.95
CA GLN B 111 8.54 9.88 -45.21
C GLN B 111 7.66 11.09 -44.91
N SER B 112 7.90 12.18 -45.61
CA SER B 112 7.10 13.41 -45.54
C SER B 112 6.54 13.74 -46.93
N TYR B 113 6.34 12.74 -47.76
CA TYR B 113 5.83 12.88 -49.17
C TYR B 113 4.30 12.79 -49.17
N SER B 114 3.76 11.89 -48.37
CA SER B 114 2.30 11.64 -48.34
C SER B 114 1.71 12.27 -47.07
N PHE B 115 0.44 12.71 -47.13
CA PHE B 115 -0.21 13.48 -46.04
C PHE B 115 -0.21 12.66 -44.75
N LEU B 116 -0.46 11.34 -44.84
CA LEU B 116 -0.44 10.48 -43.63
C LEU B 116 1.00 10.01 -43.40
N LEU B 117 1.71 10.78 -42.60
CA LEU B 117 3.15 10.60 -42.30
C LEU B 117 3.36 9.19 -41.71
N THR B 118 4.47 8.57 -42.06
CA THR B 118 4.81 7.22 -41.55
C THR B 118 6.30 7.13 -41.22
N PHE B 119 6.59 6.44 -40.12
CA PHE B 119 7.96 6.12 -39.67
C PHE B 119 8.29 4.68 -40.03
N GLY B 120 9.56 4.42 -40.32
CA GLY B 120 10.12 3.06 -40.31
C GLY B 120 10.10 2.49 -38.90
N GLY B 121 10.33 1.18 -38.75
CA GLY B 121 10.22 0.51 -37.44
C GLY B 121 11.46 0.69 -36.56
N GLY B 122 12.51 1.31 -37.10
CA GLY B 122 13.74 1.60 -36.34
C GLY B 122 14.83 0.56 -36.59
N THR B 123 16.08 0.99 -36.47
CA THR B 123 17.26 0.12 -36.44
C THR B 123 18.05 0.49 -35.18
N ASN B 124 18.30 -0.49 -34.31
CA ASN B 124 19.11 -0.31 -33.08
CA ASN B 124 19.11 -0.31 -33.08
C ASN B 124 20.58 -0.52 -33.46
N VAL B 125 21.40 0.49 -33.19
CA VAL B 125 22.86 0.41 -33.45
C VAL B 125 23.53 0.22 -32.11
N GLU B 126 24.24 -0.90 -31.98
CA GLU B 126 24.97 -1.32 -30.77
C GLU B 126 26.46 -1.39 -31.08
N ILE B 127 27.27 -1.20 -30.06
CA ILE B 127 28.75 -1.28 -30.20
C ILE B 127 29.25 -2.60 -29.63
N LYS B 128 30.16 -3.24 -30.36
CA LYS B 128 30.97 -4.32 -29.78
C LYS B 128 32.34 -3.76 -29.42
N ARG B 129 32.89 -4.25 -28.32
CA ARG B 129 34.17 -3.74 -27.77
C ARG B 129 34.80 -4.91 -27.05
N THR B 130 35.99 -4.70 -26.51
CA THR B 130 36.69 -5.71 -25.70
C THR B 130 35.85 -6.06 -24.48
N VAL B 131 35.92 -7.32 -24.10
CA VAL B 131 35.25 -7.83 -22.88
C VAL B 131 35.85 -7.11 -21.67
N ALA B 132 34.98 -6.69 -20.77
CA ALA B 132 35.32 -6.07 -19.48
C ALA B 132 34.48 -6.77 -18.39
N ALA B 133 35.14 -7.46 -17.48
CA ALA B 133 34.46 -8.00 -16.28
C ALA B 133 33.93 -6.84 -15.45
N PRO B 134 32.82 -7.04 -14.71
CA PRO B 134 32.24 -5.97 -13.89
C PRO B 134 33.00 -5.69 -12.59
N SER B 135 33.01 -4.42 -12.17
CA SER B 135 33.28 -4.08 -10.77
C SER B 135 31.99 -4.48 -10.04
N VAL B 136 32.07 -4.89 -8.81
CA VAL B 136 30.90 -5.41 -8.04
C VAL B 136 30.87 -4.71 -6.68
N PHE B 137 29.71 -4.18 -6.36
CA PHE B 137 29.47 -3.52 -5.05
C PHE B 137 28.21 -4.15 -4.43
N ILE B 138 28.26 -4.43 -3.13
CA ILE B 138 27.07 -4.95 -2.39
C ILE B 138 26.67 -3.88 -1.38
N PHE B 139 25.36 -3.61 -1.26
CA PHE B 139 24.85 -2.57 -0.34
C PHE B 139 23.92 -3.23 0.67
N PRO B 140 24.25 -3.21 1.97
CA PRO B 140 23.27 -3.61 2.97
C PRO B 140 22.05 -2.70 2.93
N PRO B 141 20.91 -3.15 3.47
CA PRO B 141 19.78 -2.26 3.63
C PRO B 141 20.13 -1.08 4.55
N SER B 142 19.59 0.10 4.27
CA SER B 142 19.71 1.34 5.08
C SER B 142 19.00 1.15 6.43
N ASP B 143 19.52 1.76 7.48
CA ASP B 143 18.83 1.76 8.79
C ASP B 143 17.46 2.39 8.59
N GLU B 144 17.39 3.43 7.73
CA GLU B 144 16.10 4.12 7.45
C GLU B 144 15.09 3.11 6.92
N GLN B 145 15.45 2.27 5.95
CA GLN B 145 14.48 1.27 5.43
C GLN B 145 14.17 0.20 6.50
N LEU B 146 15.15 -0.25 7.28
CA LEU B 146 14.91 -1.33 8.27
C LEU B 146 13.92 -0.83 9.33
N LYS B 147 14.01 0.45 9.68
CA LYS B 147 13.10 1.13 10.65
C LYS B 147 11.65 0.99 10.16
N SER B 148 11.42 0.98 8.84
CA SER B 148 10.11 0.77 8.17
C SER B 148 9.70 -0.71 8.12
N GLY B 149 10.62 -1.67 8.31
CA GLY B 149 10.25 -3.10 8.31
C GLY B 149 10.73 -3.88 7.09
N THR B 150 11.40 -3.26 6.11
CA THR B 150 11.79 -3.99 4.88
C THR B 150 13.31 -3.88 4.74
N ALA B 151 13.89 -4.92 4.16
CA ALA B 151 15.33 -5.01 3.84
C ALA B 151 15.51 -5.27 2.35
N SER B 152 15.91 -4.23 1.62
CA SER B 152 16.31 -4.35 0.20
C SER B 152 17.84 -4.43 0.18
N VAL B 153 18.37 -5.54 -0.29
CA VAL B 153 19.84 -5.74 -0.38
C VAL B 153 20.15 -5.54 -1.87
N VAL B 154 21.15 -4.75 -2.19
CA VAL B 154 21.39 -4.39 -3.63
C VAL B 154 22.80 -4.81 -4.01
N CYS B 155 22.93 -5.33 -5.21
CA CYS B 155 24.21 -5.72 -5.83
C CYS B 155 24.33 -4.92 -7.12
N LEU B 156 25.42 -4.19 -7.27
CA LEU B 156 25.69 -3.37 -8.48
C LEU B 156 26.83 -4.02 -9.26
N LEU B 157 26.59 -4.37 -10.52
CA LEU B 157 27.65 -4.79 -11.47
C LEU B 157 27.91 -3.57 -12.36
N ASN B 158 29.13 -3.04 -12.33
CA ASN B 158 29.36 -1.71 -12.97
C ASN B 158 30.30 -1.81 -14.16
N ASN B 159 29.88 -1.22 -15.28
CA ASN B 159 30.71 -0.87 -16.48
C ASN B 159 31.36 -2.14 -17.04
N PHE B 160 30.54 -3.08 -17.46
CA PHE B 160 30.99 -4.38 -18.01
C PHE B 160 30.57 -4.49 -19.48
N TYR B 161 31.15 -5.47 -20.15
CA TYR B 161 30.82 -5.83 -21.55
C TYR B 161 31.24 -7.27 -21.79
N PRO B 162 30.40 -8.12 -22.40
CA PRO B 162 29.10 -7.75 -22.97
C PRO B 162 27.93 -7.64 -21.96
N ARG B 163 26.71 -7.44 -22.47
CA ARG B 163 25.53 -7.17 -21.60
C ARG B 163 25.15 -8.39 -20.75
N GLU B 164 25.26 -9.61 -21.28
CA GLU B 164 24.85 -10.88 -20.60
C GLU B 164 25.59 -10.98 -19.27
N ALA B 165 24.86 -11.02 -18.16
CA ALA B 165 25.40 -11.20 -16.81
C ALA B 165 24.33 -11.85 -15.94
N LYS B 166 24.74 -12.66 -14.97
CA LYS B 166 23.84 -13.41 -14.06
C LYS B 166 24.19 -13.02 -12.63
N VAL B 167 23.20 -12.67 -11.81
CA VAL B 167 23.43 -12.57 -10.35
C VAL B 167 22.57 -13.62 -9.65
N GLN B 168 23.17 -14.33 -8.73
CA GLN B 168 22.45 -15.23 -7.81
C GLN B 168 22.69 -14.71 -6.40
N TRP B 169 21.65 -14.72 -5.58
CA TRP B 169 21.72 -14.31 -4.19
C TRP B 169 21.81 -15.56 -3.31
N LYS B 170 22.60 -15.47 -2.25
CA LYS B 170 22.71 -16.52 -1.21
C LYS B 170 22.60 -15.83 0.13
N VAL B 171 21.81 -16.44 1.02
CA VAL B 171 21.62 -15.96 2.41
C VAL B 171 22.08 -17.13 3.31
N ASP B 172 23.16 -16.98 4.06
CA ASP B 172 23.77 -18.12 4.78
C ASP B 172 23.89 -19.32 3.84
N ASN B 173 24.36 -19.08 2.62
CA ASN B 173 24.69 -20.08 1.56
C ASN B 173 23.44 -20.68 0.91
N ALA B 174 22.23 -20.33 1.33
CA ALA B 174 20.96 -20.81 0.74
C ALA B 174 20.67 -19.97 -0.51
N LEU B 175 20.65 -20.62 -1.67
CA LEU B 175 20.34 -19.98 -2.97
C LEU B 175 18.92 -19.42 -2.89
N GLN B 176 18.76 -18.14 -3.21
CA GLN B 176 17.46 -17.45 -3.21
C GLN B 176 16.76 -17.58 -4.57
N SER B 177 15.43 -17.72 -4.56
CA SER B 177 14.56 -17.72 -5.79
C SER B 177 13.30 -16.93 -5.54
N GLY B 178 12.87 -16.15 -6.55
CA GLY B 178 11.59 -15.43 -6.60
C GLY B 178 11.54 -14.17 -5.76
N ASN B 179 12.65 -13.74 -5.15
CA ASN B 179 12.63 -12.55 -4.25
C ASN B 179 13.67 -11.54 -4.68
N SER B 180 14.07 -11.56 -5.96
CA SER B 180 15.00 -10.55 -6.50
C SER B 180 14.50 -10.06 -7.86
N GLN B 181 14.92 -8.87 -8.24
CA GLN B 181 14.64 -8.30 -9.57
C GLN B 181 15.85 -7.50 -10.02
N GLU B 182 16.02 -7.47 -11.33
CA GLU B 182 17.20 -6.74 -11.86
C GLU B 182 16.83 -5.79 -13.00
N SER B 183 17.68 -4.78 -13.21
CA SER B 183 17.53 -3.81 -14.33
C SER B 183 18.92 -3.54 -14.89
N VAL B 184 18.96 -3.26 -16.19
CA VAL B 184 20.24 -2.99 -16.88
C VAL B 184 20.16 -1.64 -17.59
N THR B 185 21.23 -0.87 -17.51
CA THR B 185 21.33 0.42 -18.20
C THR B 185 21.49 0.19 -19.70
N GLU B 186 21.15 1.23 -20.44
CA GLU B 186 21.45 1.30 -21.87
C GLU B 186 22.98 1.32 -22.01
N GLN B 187 23.47 0.97 -23.19
CA GLN B 187 24.90 0.97 -23.45
C GLN B 187 25.43 2.41 -23.29
N ASP B 188 26.51 2.56 -22.53
CA ASP B 188 27.05 3.88 -22.14
C ASP B 188 27.55 4.64 -23.38
N SER B 189 27.25 5.94 -23.45
CA SER B 189 27.53 6.78 -24.64
C SER B 189 29.04 7.06 -24.75
N LYS B 190 29.82 6.86 -23.68
CA LYS B 190 31.28 7.14 -23.69
C LYS B 190 32.09 5.88 -23.88
N ASP B 191 31.80 4.83 -23.11
CA ASP B 191 32.64 3.62 -23.06
C ASP B 191 31.93 2.34 -23.54
N SER B 192 30.65 2.41 -23.96
CA SER B 192 29.96 1.28 -24.61
C SER B 192 29.78 0.11 -23.62
N THR B 193 29.85 0.38 -22.31
CA THR B 193 29.63 -0.66 -21.27
C THR B 193 28.19 -0.61 -20.77
N TYR B 194 27.84 -1.62 -20.01
CA TYR B 194 26.51 -1.78 -19.34
C TYR B 194 26.77 -1.77 -17.85
N SER B 195 25.70 -1.47 -17.10
CA SER B 195 25.71 -1.71 -15.65
C SER B 195 24.40 -2.42 -15.29
N LEU B 196 24.40 -3.16 -14.21
CA LEU B 196 23.23 -3.95 -13.80
C LEU B 196 23.06 -3.78 -12.29
N SER B 197 21.81 -3.67 -11.84
CA SER B 197 21.54 -3.71 -10.39
C SER B 197 20.54 -4.81 -10.09
N SER B 198 20.81 -5.56 -9.04
CA SER B 198 19.93 -6.67 -8.60
C SER B 198 19.54 -6.36 -7.17
N THR B 199 18.26 -6.43 -6.88
CA THR B 199 17.71 -6.12 -5.56
C THR B 199 17.03 -7.38 -5.01
N LEU B 200 17.50 -7.79 -3.84
CA LEU B 200 16.90 -8.90 -3.07
C LEU B 200 16.03 -8.24 -2.00
N THR B 201 14.73 -8.58 -1.93
CA THR B 201 13.80 -7.93 -0.98
C THR B 201 13.29 -8.94 0.05
N LEU B 202 13.64 -8.70 1.31
CA LEU B 202 13.20 -9.52 2.46
C LEU B 202 12.45 -8.61 3.44
N SER B 203 11.64 -9.21 4.30
CA SER B 203 11.18 -8.50 5.51
C SER B 203 12.36 -8.29 6.46
N LYS B 204 12.34 -7.22 7.24
CA LYS B 204 13.35 -7.05 8.31
C LYS B 204 13.38 -8.29 9.20
N ALA B 205 12.22 -8.85 9.55
CA ALA B 205 12.19 -10.02 10.47
C ALA B 205 12.98 -11.19 9.85
N ASP B 206 12.86 -11.44 8.54
CA ASP B 206 13.62 -12.53 7.88
C ASP B 206 15.07 -12.11 7.75
N TYR B 207 15.33 -10.85 7.43
CA TYR B 207 16.71 -10.32 7.29
C TYR B 207 17.50 -10.59 8.60
N GLU B 208 16.87 -10.36 9.75
CA GLU B 208 17.57 -10.46 11.07
C GLU B 208 17.83 -11.92 11.46
N LYS B 209 17.25 -12.91 10.79
CA LYS B 209 17.45 -14.32 11.13
C LYS B 209 18.76 -14.88 10.56
N HIS B 210 19.43 -14.17 9.64
CA HIS B 210 20.56 -14.72 8.87
C HIS B 210 21.74 -13.77 8.97
N LYS B 211 22.92 -14.28 8.69
CA LYS B 211 24.19 -13.52 8.88
C LYS B 211 24.80 -13.10 7.54
N VAL B 212 25.05 -14.04 6.65
CA VAL B 212 25.90 -13.80 5.44
C VAL B 212 24.97 -13.52 4.25
N TYR B 213 25.10 -12.33 3.67
CA TYR B 213 24.37 -11.91 2.43
C TYR B 213 25.41 -11.86 1.31
N ALA B 214 25.19 -12.65 0.25
CA ALA B 214 26.16 -12.81 -0.86
C ALA B 214 25.48 -12.63 -2.23
N CYS B 215 26.16 -11.91 -3.11
CA CYS B 215 25.83 -11.68 -4.54
C CYS B 215 26.86 -12.44 -5.36
N GLU B 216 26.47 -13.48 -6.09
CA GLU B 216 27.36 -14.29 -6.95
C GLU B 216 27.17 -13.83 -8.40
N VAL B 217 28.25 -13.40 -9.04
CA VAL B 217 28.23 -12.77 -10.38
C VAL B 217 28.91 -13.67 -11.42
N THR B 218 28.16 -14.00 -12.48
CA THR B 218 28.62 -14.78 -13.65
C THR B 218 28.71 -13.83 -14.85
N HIS B 219 29.84 -13.85 -15.57
CA HIS B 219 30.09 -12.95 -16.73
C HIS B 219 31.22 -13.52 -17.57
N GLN B 220 31.15 -13.28 -18.88
CA GLN B 220 32.19 -13.73 -19.83
CA GLN B 220 32.19 -13.72 -19.84
C GLN B 220 33.59 -13.32 -19.35
N GLY B 221 33.74 -12.13 -18.75
CA GLY B 221 35.05 -11.59 -18.33
C GLY B 221 35.62 -12.26 -17.09
N LEU B 222 34.89 -13.17 -16.44
CA LEU B 222 35.28 -13.87 -15.20
C LEU B 222 35.32 -15.37 -15.49
N SER B 223 36.49 -15.99 -15.39
CA SER B 223 36.66 -17.44 -15.70
C SER B 223 35.87 -18.29 -14.70
N SER B 224 35.70 -17.77 -13.48
CA SER B 224 34.86 -18.37 -12.42
C SER B 224 34.03 -17.26 -11.81
N PRO B 225 32.79 -17.54 -11.36
CA PRO B 225 31.96 -16.50 -10.77
C PRO B 225 32.64 -15.85 -9.57
N VAL B 226 32.40 -14.54 -9.41
CA VAL B 226 32.88 -13.72 -8.28
C VAL B 226 31.72 -13.53 -7.31
N THR B 227 31.92 -13.88 -6.05
CA THR B 227 30.89 -13.65 -5.02
C THR B 227 31.38 -12.55 -4.07
N LYS B 228 30.57 -11.50 -3.85
CA LYS B 228 30.81 -10.47 -2.81
C LYS B 228 29.81 -10.68 -1.67
N SER B 229 30.21 -10.44 -0.42
CA SER B 229 29.33 -10.67 0.74
C SER B 229 29.45 -9.53 1.74
N PHE B 230 28.48 -9.43 2.64
CA PHE B 230 28.65 -8.73 3.93
C PHE B 230 27.99 -9.61 5.00
N ASN B 231 28.41 -9.34 6.23
CA ASN B 231 27.87 -10.03 7.41
C ASN B 231 26.95 -9.07 8.14
N ARG B 232 25.67 -9.38 8.28
CA ARG B 232 24.73 -8.46 8.97
C ARG B 232 25.21 -8.27 10.41
N GLY B 233 25.26 -7.02 10.87
CA GLY B 233 25.70 -6.68 12.24
C GLY B 233 27.22 -6.49 12.29
N GLU B 234 27.87 -6.71 11.13
CA GLU B 234 29.30 -6.47 10.76
C GLU B 234 30.22 -7.60 11.25
N CYS B 235 29.75 -8.87 11.35
CA CYS B 235 30.55 -10.07 11.79
C CYS B 235 31.92 -10.07 11.09
N GLN C 19 -18.37 -24.56 6.77
CA GLN C 19 -19.65 -24.58 6.01
C GLN C 19 -20.80 -24.35 6.98
N VAL C 20 -21.10 -25.36 7.80
CA VAL C 20 -21.84 -25.17 9.08
C VAL C 20 -21.06 -24.10 9.86
N GLN C 21 -19.74 -24.22 10.02
CA GLN C 21 -18.95 -23.30 10.88
C GLN C 21 -17.60 -22.97 10.25
N LEU C 22 -17.37 -21.68 9.95
CA LEU C 22 -16.03 -21.20 9.50
C LEU C 22 -15.19 -20.94 10.75
N VAL C 23 -14.08 -21.67 10.91
CA VAL C 23 -13.24 -21.53 12.13
C VAL C 23 -11.88 -21.01 11.67
N GLN C 24 -11.51 -19.83 12.19
CA GLN C 24 -10.29 -19.14 11.77
C GLN C 24 -9.18 -19.45 12.75
N SER C 25 -7.95 -19.20 12.32
CA SER C 25 -6.74 -19.33 13.17
C SER C 25 -6.76 -18.26 14.26
N GLY C 26 -5.96 -18.48 15.29
CA GLY C 26 -5.95 -17.60 16.47
C GLY C 26 -5.28 -16.27 16.20
N ALA C 27 -5.30 -15.40 17.19
CA ALA C 27 -4.68 -14.06 17.10
C ALA C 27 -3.20 -14.15 16.70
N GLU C 28 -2.78 -13.17 15.91
CA GLU C 28 -1.38 -13.11 15.37
C GLU C 28 -0.77 -11.75 15.69
N VAL C 29 0.56 -11.72 15.84
CA VAL C 29 1.30 -10.46 15.98
C VAL C 29 2.46 -10.54 14.98
N ARG C 30 2.66 -9.47 14.27
CA ARG C 30 3.72 -9.39 13.23
C ARG C 30 4.41 -8.06 13.35
N LYS C 31 5.67 -8.06 12.95
CA LYS C 31 6.47 -6.83 12.80
C LYS C 31 6.10 -6.16 11.48
N PRO C 32 6.14 -4.82 11.38
CA PRO C 32 5.94 -4.16 10.09
C PRO C 32 6.93 -4.72 9.06
N GLY C 33 6.46 -4.95 7.84
CA GLY C 33 7.26 -5.50 6.73
C GLY C 33 7.05 -6.97 6.58
N SER C 34 6.59 -7.65 7.62
CA SER C 34 6.32 -9.10 7.56
C SER C 34 4.99 -9.37 6.86
N SER C 35 4.62 -10.64 6.76
N SER C 35 4.62 -10.64 6.76
CA SER C 35 3.35 -11.12 6.16
CA SER C 35 3.34 -11.07 6.17
C SER C 35 2.59 -11.88 7.23
C SER C 35 2.59 -11.90 7.21
N VAL C 36 1.28 -12.04 7.02
CA VAL C 36 0.45 -12.87 7.92
C VAL C 36 -0.43 -13.75 7.04
N LYS C 37 -0.47 -15.02 7.39
CA LYS C 37 -1.35 -15.98 6.71
C LYS C 37 -2.40 -16.43 7.72
N ILE C 38 -3.65 -16.17 7.40
CA ILE C 38 -4.79 -16.49 8.29
C ILE C 38 -5.57 -17.60 7.60
N SER C 39 -5.93 -18.61 8.34
CA SER C 39 -6.71 -19.74 7.82
C SER C 39 -8.17 -19.60 8.19
N CYS C 40 -9.02 -20.24 7.42
CA CYS C 40 -10.49 -20.30 7.62
C CYS C 40 -10.92 -21.72 7.20
N LYS C 41 -11.18 -22.58 8.18
CA LYS C 41 -11.52 -24.00 7.96
C LYS C 41 -13.04 -24.10 7.94
N ALA C 42 -13.59 -24.65 6.88
CA ALA C 42 -15.03 -24.90 6.73
C ALA C 42 -15.40 -26.10 7.61
N SER C 43 -15.36 -25.95 8.95
CA SER C 43 -15.62 -27.01 9.96
C SER C 43 -17.04 -27.60 9.76
N GLY C 44 -17.09 -28.89 9.44
CA GLY C 44 -18.34 -29.62 9.11
C GLY C 44 -19.01 -29.08 7.86
N GLY C 45 -18.24 -28.87 6.78
CA GLY C 45 -18.76 -28.49 5.45
C GLY C 45 -17.63 -28.24 4.46
N THR C 46 -17.91 -27.56 3.34
CA THR C 46 -16.98 -27.40 2.18
C THR C 46 -16.87 -25.95 1.69
N PHE C 47 -15.98 -25.72 0.70
CA PHE C 47 -15.81 -24.48 -0.10
C PHE C 47 -15.99 -24.77 -1.61
N ASN C 48 -16.70 -25.84 -1.98
CA ASN C 48 -16.99 -26.20 -3.38
C ASN C 48 -18.23 -25.43 -3.85
N ASN C 49 -18.12 -24.73 -4.99
CA ASN C 49 -19.23 -23.92 -5.55
C ASN C 49 -19.67 -22.86 -4.50
N TYR C 50 -18.71 -22.30 -3.77
CA TYR C 50 -18.92 -21.05 -3.00
C TYR C 50 -17.88 -20.04 -3.42
N ALA C 51 -18.19 -18.78 -3.11
CA ALA C 51 -17.27 -17.64 -3.22
C ALA C 51 -16.81 -17.30 -1.79
N LEU C 52 -15.53 -17.08 -1.62
CA LEU C 52 -14.88 -16.93 -0.30
C LEU C 52 -14.24 -15.53 -0.27
N SER C 53 -14.75 -14.64 0.55
CA SER C 53 -14.20 -13.26 0.71
C SER C 53 -13.45 -13.14 2.03
N TRP C 54 -12.62 -12.10 2.09
CA TRP C 54 -12.01 -11.70 3.36
C TRP C 54 -12.45 -10.25 3.60
N VAL C 55 -12.85 -9.97 4.83
CA VAL C 55 -13.37 -8.64 5.20
C VAL C 55 -12.63 -8.21 6.49
N ARG C 56 -12.12 -6.99 6.53
CA ARG C 56 -11.46 -6.59 7.79
C ARG C 56 -12.18 -5.47 8.53
N GLN C 57 -11.90 -5.38 9.82
CA GLN C 57 -12.47 -4.31 10.66
C GLN C 57 -11.36 -3.73 11.54
N ALA C 58 -10.84 -2.58 11.15
CA ALA C 58 -9.79 -1.89 11.91
C ALA C 58 -10.43 -1.28 13.16
N PRO C 59 -9.64 -1.06 14.24
CA PRO C 59 -10.15 -0.49 15.49
C PRO C 59 -11.15 0.66 15.31
N GLY C 60 -12.32 0.49 15.93
CA GLY C 60 -13.46 1.43 15.94
C GLY C 60 -13.94 1.83 14.55
N GLN C 61 -13.65 1.06 13.49
CA GLN C 61 -13.99 1.38 12.08
C GLN C 61 -14.99 0.32 11.60
N GLY C 62 -15.45 0.46 10.36
CA GLY C 62 -16.48 -0.43 9.82
C GLY C 62 -15.87 -1.61 9.10
N LEU C 63 -16.73 -2.42 8.51
CA LEU C 63 -16.33 -3.55 7.64
C LEU C 63 -15.78 -3.05 6.32
N ASP C 64 -14.64 -3.61 5.93
CA ASP C 64 -13.91 -3.27 4.70
C ASP C 64 -13.64 -4.55 3.92
N TRP C 65 -14.25 -4.68 2.75
CA TRP C 65 -14.08 -5.87 1.88
C TRP C 65 -12.70 -5.85 1.25
N MET C 66 -11.97 -6.96 1.31
CA MET C 66 -10.58 -7.01 0.84
C MET C 66 -10.52 -7.65 -0.56
N GLY C 67 -11.28 -8.73 -0.75
CA GLY C 67 -11.17 -9.54 -1.97
C GLY C 67 -11.89 -10.84 -1.83
N GLU C 68 -11.92 -11.58 -2.94
CA GLU C 68 -12.71 -12.81 -3.03
C GLU C 68 -12.10 -13.75 -4.05
N ILE C 69 -12.26 -15.04 -3.79
CA ILE C 69 -12.01 -16.09 -4.81
C ILE C 69 -13.26 -16.91 -4.99
N THR C 70 -13.45 -17.40 -6.22
CA THR C 70 -14.49 -18.42 -6.51
C THR C 70 -13.74 -19.59 -7.14
N PRO C 71 -13.29 -20.58 -6.33
CA PRO C 71 -12.47 -21.68 -6.84
C PRO C 71 -13.05 -22.26 -8.14
N ILE C 72 -14.34 -22.60 -8.15
CA ILE C 72 -14.96 -23.34 -9.30
C ILE C 72 -14.71 -22.60 -10.61
N PHE C 73 -14.64 -21.26 -10.62
CA PHE C 73 -14.47 -20.43 -11.83
C PHE C 73 -13.00 -20.03 -12.06
N GLY C 74 -12.09 -20.40 -11.18
CA GLY C 74 -10.70 -19.88 -11.21
C GLY C 74 -10.66 -18.37 -11.27
N THR C 75 -11.53 -17.67 -10.52
CA THR C 75 -11.51 -16.20 -10.49
C THR C 75 -11.06 -15.72 -9.12
N GLU C 76 -10.39 -14.58 -9.10
CA GLU C 76 -10.06 -13.85 -7.85
C GLU C 76 -10.16 -12.37 -8.16
N LYS C 77 -10.60 -11.58 -7.19
CA LYS C 77 -10.61 -10.10 -7.35
C LYS C 77 -10.31 -9.48 -6.00
N TYR C 78 -9.74 -8.29 -6.03
CA TYR C 78 -9.41 -7.48 -4.84
C TYR C 78 -9.90 -6.05 -4.98
N ALA C 79 -10.23 -5.44 -3.85
CA ALA C 79 -10.42 -3.99 -3.75
C ALA C 79 -9.11 -3.37 -4.22
N GLN C 80 -9.21 -2.28 -4.96
CA GLN C 80 -8.03 -1.62 -5.53
C GLN C 80 -6.95 -1.47 -4.45
N LYS C 81 -7.34 -1.04 -3.23
CA LYS C 81 -6.36 -0.67 -2.19
C LYS C 81 -5.66 -1.91 -1.64
N PHE C 82 -6.12 -3.12 -1.95
CA PHE C 82 -5.43 -4.38 -1.54
C PHE C 82 -4.80 -5.11 -2.74
N GLN C 83 -5.03 -4.67 -3.98
CA GLN C 83 -4.39 -5.26 -5.17
C GLN C 83 -2.87 -5.21 -4.95
N GLY C 84 -2.18 -6.35 -5.07
CA GLY C 84 -0.72 -6.40 -4.95
C GLY C 84 -0.25 -6.63 -3.52
N ARG C 85 -1.16 -6.60 -2.54
CA ARG C 85 -0.86 -6.78 -1.09
C ARG C 85 -1.42 -8.11 -0.56
N VAL C 86 -2.49 -8.64 -1.14
CA VAL C 86 -3.27 -9.79 -0.61
C VAL C 86 -3.27 -10.89 -1.64
N THR C 87 -3.09 -12.13 -1.18
CA THR C 87 -3.36 -13.34 -1.99
C THR C 87 -4.32 -14.20 -1.18
N ILE C 88 -5.36 -14.68 -1.84
CA ILE C 88 -6.39 -15.55 -1.23
C ILE C 88 -6.24 -16.88 -1.98
N THR C 89 -6.04 -17.94 -1.20
CA THR C 89 -5.84 -19.26 -1.77
C THR C 89 -6.80 -20.24 -1.09
N ALA C 90 -7.37 -21.16 -1.86
CA ALA C 90 -8.21 -22.22 -1.25
C ALA C 90 -7.49 -23.55 -1.43
N ASP C 91 -7.39 -24.34 -0.36
CA ASP C 91 -6.74 -25.67 -0.41
C ASP C 91 -7.81 -26.73 -0.13
N GLU C 92 -8.25 -27.46 -1.16
CA GLU C 92 -9.25 -28.56 -1.01
C GLU C 92 -8.77 -29.61 -0.01
N SER C 93 -7.54 -30.13 -0.17
CA SER C 93 -6.93 -31.14 0.75
C SER C 93 -7.23 -30.86 2.21
N THR C 94 -7.01 -29.62 2.66
CA THR C 94 -7.20 -29.25 4.07
C THR C 94 -8.60 -28.66 4.22
N ASN C 95 -9.31 -28.45 3.12
CA ASN C 95 -10.64 -27.78 3.09
C ASN C 95 -10.44 -26.45 3.81
N THR C 96 -9.38 -25.73 3.46
CA THR C 96 -9.05 -24.48 4.18
C THR C 96 -8.84 -23.33 3.20
N LEU C 97 -9.37 -22.18 3.58
CA LEU C 97 -9.21 -20.95 2.80
C LEU C 97 -8.14 -20.16 3.54
N TYR C 98 -7.21 -19.59 2.80
CA TYR C 98 -6.16 -18.77 3.41
C TYR C 98 -6.16 -17.35 2.84
N MET C 99 -5.74 -16.40 3.68
CA MET C 99 -5.51 -15.03 3.18
C MET C 99 -4.08 -14.72 3.60
N ASP C 100 -3.25 -14.25 2.67
CA ASP C 100 -1.88 -13.83 3.02
C ASP C 100 -1.77 -12.34 2.74
N LEU C 101 -1.56 -11.54 3.78
CA LEU C 101 -1.37 -10.08 3.60
C LEU C 101 0.12 -9.79 3.81
N SER C 102 0.75 -9.19 2.82
CA SER C 102 2.21 -8.95 2.86
C SER C 102 2.53 -7.48 3.10
N SER C 103 3.81 -7.17 3.32
CA SER C 103 4.31 -5.80 3.61
C SER C 103 3.41 -5.11 4.64
N LEU C 104 3.23 -5.77 5.77
CA LEU C 104 2.30 -5.26 6.80
C LEU C 104 2.73 -3.88 7.31
N ARG C 105 1.75 -3.05 7.61
CA ARG C 105 1.95 -1.74 8.27
C ARG C 105 1.04 -1.65 9.49
N SER C 106 1.35 -0.71 10.39
CA SER C 106 0.48 -0.37 11.57
C SER C 106 -1.00 -0.40 11.20
N GLU C 107 -1.37 0.27 10.09
CA GLU C 107 -2.74 0.40 9.53
C GLU C 107 -3.38 -0.96 9.29
N ASP C 108 -2.62 -2.05 9.19
CA ASP C 108 -3.21 -3.40 8.90
C ASP C 108 -3.63 -4.09 10.21
N SER C 109 -3.37 -3.49 11.36
CA SER C 109 -3.87 -4.00 12.66
C SER C 109 -5.39 -3.97 12.63
N ALA C 110 -6.02 -5.11 12.70
CA ALA C 110 -7.48 -5.23 12.55
C ALA C 110 -7.93 -6.64 12.90
N VAL C 111 -9.23 -6.83 12.93
CA VAL C 111 -9.84 -8.16 12.92
C VAL C 111 -10.20 -8.51 11.49
N TYR C 112 -9.76 -9.70 11.07
CA TYR C 112 -9.97 -10.21 9.70
C TYR C 112 -11.00 -11.33 9.77
N TYR C 113 -12.03 -11.23 8.93
CA TYR C 113 -13.13 -12.23 8.88
C TYR C 113 -13.12 -12.95 7.54
N CYS C 114 -13.31 -14.26 7.51
CA CYS C 114 -13.67 -14.93 6.23
C CYS C 114 -15.19 -14.89 6.14
N ALA C 115 -15.70 -14.76 4.94
CA ALA C 115 -17.14 -14.66 4.70
C ALA C 115 -17.42 -15.50 3.46
N ARG C 116 -18.36 -16.43 3.57
CA ARG C 116 -18.74 -17.31 2.43
C ARG C 116 -20.08 -16.87 1.87
N ARG C 117 -20.25 -16.97 0.56
CA ARG C 117 -21.52 -16.74 -0.14
C ARG C 117 -21.62 -17.75 -1.30
N GLY C 118 -22.81 -17.97 -1.80
CA GLY C 118 -23.00 -18.77 -3.02
C GLY C 118 -22.24 -18.16 -4.17
N TYR C 119 -21.86 -18.97 -5.16
CA TYR C 119 -21.05 -18.44 -6.27
C TYR C 119 -21.89 -17.55 -7.18
N ILE C 120 -23.21 -17.56 -7.05
CA ILE C 120 -24.09 -16.86 -8.01
C ILE C 120 -24.00 -15.35 -7.79
N TYR C 121 -24.03 -14.60 -8.88
CA TYR C 121 -24.04 -13.12 -8.87
C TYR C 121 -25.02 -12.59 -7.83
N GLY C 122 -24.57 -11.63 -7.02
CA GLY C 122 -25.49 -10.87 -6.15
C GLY C 122 -25.66 -11.47 -4.77
N SER C 123 -25.12 -12.67 -4.52
CA SER C 123 -25.39 -13.45 -3.29
C SER C 123 -24.85 -12.72 -2.06
N PRO C 124 -25.53 -12.93 -0.90
CA PRO C 124 -25.13 -12.32 0.37
C PRO C 124 -24.17 -13.23 1.14
N PHE C 125 -23.40 -12.67 2.08
CA PHE C 125 -22.52 -13.46 2.97
C PHE C 125 -23.34 -14.09 4.08
N ASP C 126 -23.69 -15.38 3.98
CA ASP C 126 -24.57 -16.03 4.98
C ASP C 126 -23.77 -16.71 6.07
N TYR C 127 -22.48 -16.95 5.85
CA TYR C 127 -21.61 -17.62 6.84
C TYR C 127 -20.37 -16.77 7.03
N TRP C 128 -20.04 -16.48 8.28
CA TRP C 128 -18.84 -15.70 8.67
C TRP C 128 -17.99 -16.53 9.63
N GLY C 129 -16.68 -16.42 9.54
CA GLY C 129 -15.76 -16.90 10.57
C GLY C 129 -15.80 -16.02 11.81
N GLN C 130 -15.19 -16.47 12.92
CA GLN C 130 -15.26 -15.79 14.22
C GLN C 130 -14.35 -14.55 14.23
N GLY C 131 -13.48 -14.41 13.24
CA GLY C 131 -12.51 -13.32 13.22
C GLY C 131 -11.16 -13.71 13.77
N THR C 132 -10.14 -13.07 13.25
CA THR C 132 -8.73 -13.24 13.70
C THR C 132 -8.18 -11.85 13.92
N LEU C 133 -7.77 -11.57 15.16
CA LEU C 133 -7.07 -10.33 15.50
C LEU C 133 -5.64 -10.40 14.97
N VAL C 134 -5.21 -9.39 14.23
CA VAL C 134 -3.79 -9.25 13.81
C VAL C 134 -3.31 -7.94 14.38
N THR C 135 -2.18 -7.97 15.08
CA THR C 135 -1.48 -6.75 15.54
C THR C 135 -0.17 -6.63 14.76
N VAL C 136 0.01 -5.47 14.14
CA VAL C 136 1.26 -5.11 13.41
C VAL C 136 2.02 -4.10 14.26
N SER C 137 3.14 -4.50 14.85
CA SER C 137 3.93 -3.59 15.72
C SER C 137 5.38 -4.05 15.80
N SER C 138 6.31 -3.11 15.98
CA SER C 138 7.73 -3.48 16.22
C SER C 138 7.96 -3.68 17.72
N ALA C 139 6.98 -3.36 18.58
CA ALA C 139 7.11 -3.50 20.04
C ALA C 139 7.32 -4.99 20.38
N SER C 140 8.07 -5.27 21.44
CA SER C 140 8.35 -6.64 21.93
C SER C 140 7.11 -7.20 22.59
N THR C 141 6.92 -8.48 22.39
CA THR C 141 5.93 -9.27 23.17
C THR C 141 6.39 -9.25 24.63
N LYS C 142 5.42 -9.15 25.53
CA LYS C 142 5.69 -9.14 26.98
C LYS C 142 4.45 -9.74 27.66
N GLY C 143 4.64 -10.68 28.57
CA GLY C 143 3.51 -11.28 29.26
C GLY C 143 3.08 -10.40 30.43
N PRO C 144 1.78 -10.54 30.80
CA PRO C 144 1.22 -9.74 31.88
C PRO C 144 1.62 -10.17 33.28
N SER C 145 1.58 -9.18 34.18
CA SER C 145 1.58 -9.33 35.64
C SER C 145 0.12 -9.32 36.06
N VAL C 146 -0.28 -10.28 36.85
CA VAL C 146 -1.70 -10.39 37.29
C VAL C 146 -1.75 -10.08 38.78
N PHE C 147 -2.55 -9.10 39.12
CA PHE C 147 -2.73 -8.63 40.52
C PHE C 147 -4.17 -8.83 40.92
N PRO C 148 -4.43 -9.22 42.20
CA PRO C 148 -5.80 -9.26 42.65
C PRO C 148 -6.40 -7.87 42.86
N LEU C 149 -7.68 -7.73 42.54
CA LEU C 149 -8.49 -6.57 42.94
C LEU C 149 -9.31 -7.06 44.13
N ALA C 150 -8.79 -6.80 45.33
CA ALA C 150 -9.34 -7.32 46.60
C ALA C 150 -10.11 -6.19 47.28
N PRO C 151 -11.41 -6.41 47.54
CA PRO C 151 -12.22 -5.44 48.26
C PRO C 151 -11.87 -5.50 49.75
N SER C 152 -12.06 -4.38 50.45
CA SER C 152 -11.97 -4.33 51.93
C SER C 152 -13.09 -5.18 52.55
N SER C 153 -12.97 -5.58 53.80
CA SER C 153 -14.06 -6.31 54.51
C SER C 153 -15.27 -5.36 54.67
N LYS C 154 -15.02 -4.04 54.83
CA LYS C 154 -16.08 -3.02 54.96
C LYS C 154 -16.89 -3.01 53.66
N SER C 155 -16.22 -3.06 52.49
CA SER C 155 -16.91 -3.09 51.19
C SER C 155 -17.82 -4.33 51.12
N THR C 156 -17.38 -5.49 51.62
CA THR C 156 -18.13 -6.76 51.44
C THR C 156 -19.23 -6.86 52.51
N SER C 157 -19.17 -6.01 53.54
CA SER C 157 -20.04 -6.13 54.75
C SER C 157 -21.47 -5.80 54.32
N GLY C 158 -21.61 -5.09 53.20
CA GLY C 158 -22.91 -4.70 52.67
C GLY C 158 -23.59 -5.80 51.87
N GLY C 159 -22.99 -7.00 51.75
CA GLY C 159 -23.68 -8.17 51.15
C GLY C 159 -23.25 -8.46 49.74
N THR C 160 -22.53 -7.52 49.11
CA THR C 160 -21.96 -7.73 47.75
C THR C 160 -20.43 -7.67 47.84
N ALA C 161 -19.77 -8.67 47.25
CA ALA C 161 -18.29 -8.75 47.14
C ALA C 161 -17.93 -8.50 45.67
N ALA C 162 -17.22 -7.40 45.43
CA ALA C 162 -16.63 -7.12 44.10
C ALA C 162 -15.19 -7.64 44.09
N LEU C 163 -14.94 -8.68 43.30
CA LEU C 163 -13.64 -9.40 43.23
C LEU C 163 -13.13 -9.27 41.81
N GLY C 164 -11.83 -9.06 41.62
CA GLY C 164 -11.29 -8.83 40.29
C GLY C 164 -9.85 -9.27 40.15
N CYS C 165 -9.36 -9.15 38.92
CA CYS C 165 -7.94 -9.30 38.59
C CYS C 165 -7.56 -8.20 37.63
N LEU C 166 -6.49 -7.51 37.98
CA LEU C 166 -5.83 -6.49 37.13
C LEU C 166 -4.74 -7.22 36.35
N VAL C 167 -4.82 -7.14 35.04
CA VAL C 167 -3.90 -7.81 34.08
C VAL C 167 -3.08 -6.69 33.45
N LYS C 168 -1.86 -6.54 33.94
CA LYS C 168 -1.09 -5.30 33.72
C LYS C 168 0.09 -5.54 32.78
N ASP C 169 0.37 -4.53 31.96
CA ASP C 169 1.65 -4.44 31.21
C ASP C 169 1.94 -5.61 30.27
N TYR C 170 1.07 -5.81 29.30
CA TYR C 170 1.30 -6.88 28.33
C TYR C 170 1.29 -6.34 26.89
N PHE C 171 1.88 -7.12 26.00
CA PHE C 171 1.88 -6.78 24.57
C PHE C 171 2.12 -8.09 23.82
N PRO C 172 1.40 -8.37 22.70
CA PRO C 172 0.27 -7.58 22.30
C PRO C 172 -1.09 -8.07 22.81
N GLU C 173 -2.16 -7.47 22.33
CA GLU C 173 -3.49 -8.07 22.59
C GLU C 173 -3.49 -9.39 21.82
N PRO C 174 -4.32 -10.40 22.17
CA PRO C 174 -5.25 -10.33 23.31
C PRO C 174 -4.78 -11.13 24.53
N VAL C 175 -5.40 -10.82 25.67
CA VAL C 175 -5.44 -11.76 26.82
C VAL C 175 -6.85 -12.32 26.88
N THR C 176 -6.98 -13.56 27.31
CA THR C 176 -8.33 -14.08 27.66
C THR C 176 -8.41 -14.25 29.17
N VAL C 177 -9.52 -13.84 29.75
CA VAL C 177 -9.74 -13.97 31.21
C VAL C 177 -10.98 -14.82 31.38
N SER C 178 -10.87 -15.90 32.13
CA SER C 178 -12.09 -16.61 32.62
C SER C 178 -12.06 -16.67 34.14
N TRP C 179 -13.14 -17.16 34.73
CA TRP C 179 -13.29 -17.31 36.19
C TRP C 179 -13.69 -18.75 36.50
N ASN C 180 -12.98 -19.38 37.44
CA ASN C 180 -13.29 -20.77 37.85
C ASN C 180 -13.19 -21.66 36.60
N SER C 181 -12.27 -21.33 35.70
CA SER C 181 -11.96 -22.16 34.52
C SER C 181 -13.21 -22.37 33.65
N GLY C 182 -14.13 -21.42 33.66
CA GLY C 182 -15.28 -21.41 32.75
C GLY C 182 -16.61 -21.36 33.49
N ALA C 183 -16.65 -21.71 34.78
CA ALA C 183 -17.90 -21.91 35.57
C ALA C 183 -18.67 -20.60 35.87
N LEU C 184 -17.99 -19.47 36.07
CA LEU C 184 -18.64 -18.18 36.41
C LEU C 184 -18.61 -17.26 35.19
N THR C 185 -19.78 -16.93 34.64
CA THR C 185 -19.91 -16.00 33.49
C THR C 185 -20.86 -14.88 33.85
N SER C 186 -21.95 -15.18 34.56
CA SER C 186 -22.96 -14.15 34.93
C SER C 186 -22.33 -13.19 35.94
N GLY C 187 -22.47 -11.89 35.70
CA GLY C 187 -21.91 -10.83 36.55
C GLY C 187 -20.39 -10.85 36.52
N VAL C 188 -19.83 -11.29 35.40
CA VAL C 188 -18.40 -11.04 35.04
C VAL C 188 -18.38 -9.86 34.09
N HIS C 189 -17.57 -8.85 34.40
CA HIS C 189 -17.27 -7.72 33.50
C HIS C 189 -15.78 -7.73 33.22
N THR C 190 -15.38 -8.15 32.02
CA THR C 190 -13.96 -8.08 31.59
C THR C 190 -13.89 -6.88 30.67
N PHE C 191 -13.25 -5.82 31.12
CA PHE C 191 -13.20 -4.48 30.48
C PHE C 191 -12.33 -4.56 29.25
N PRO C 192 -12.64 -3.80 28.20
CA PRO C 192 -11.71 -3.62 27.10
C PRO C 192 -10.32 -3.17 27.56
N ALA C 193 -9.28 -3.69 26.92
CA ALA C 193 -7.89 -3.30 27.25
C ALA C 193 -7.70 -1.82 26.95
N VAL C 194 -6.84 -1.17 27.73
CA VAL C 194 -6.41 0.23 27.51
C VAL C 194 -4.94 0.20 27.14
N LEU C 195 -4.58 0.97 26.13
CA LEU C 195 -3.15 1.20 25.87
C LEU C 195 -2.62 2.28 26.83
N GLN C 196 -1.60 1.96 27.63
CA GLN C 196 -0.98 2.91 28.60
C GLN C 196 0.12 3.71 27.89
N SER C 197 0.60 4.77 28.55
CA SER C 197 1.63 5.68 27.97
C SER C 197 2.92 4.90 27.73
N SER C 198 3.16 3.79 28.45
CA SER C 198 4.34 2.90 28.26
C SER C 198 4.32 2.17 26.90
N GLY C 199 3.19 2.12 26.21
CA GLY C 199 3.02 1.26 25.02
C GLY C 199 2.55 -0.14 25.36
N LEU C 200 2.20 -0.38 26.62
CA LEU C 200 1.72 -1.69 27.10
C LEU C 200 0.24 -1.61 27.40
N TYR C 201 -0.44 -2.74 27.26
CA TYR C 201 -1.90 -2.82 27.54
C TYR C 201 -2.12 -3.22 28.99
N SER C 202 -3.24 -2.79 29.53
CA SER C 202 -3.74 -3.30 30.84
C SER C 202 -5.24 -3.51 30.72
N LEU C 203 -5.78 -4.50 31.41
CA LEU C 203 -7.24 -4.56 31.60
C LEU C 203 -7.56 -5.10 32.98
N SER C 204 -8.81 -4.95 33.37
CA SER C 204 -9.32 -5.54 34.62
C SER C 204 -10.55 -6.39 34.27
N SER C 205 -10.73 -7.44 35.05
CA SER C 205 -11.93 -8.29 35.01
C SER C 205 -12.45 -8.40 36.43
N VAL C 206 -13.76 -8.15 36.58
CA VAL C 206 -14.39 -8.13 37.94
C VAL C 206 -15.62 -9.02 37.92
N VAL C 207 -15.84 -9.69 39.03
CA VAL C 207 -17.12 -10.40 39.26
C VAL C 207 -17.72 -9.76 40.52
N THR C 208 -19.03 -9.65 40.56
CA THR C 208 -19.73 -9.11 41.74
C THR C 208 -20.67 -10.22 42.19
N VAL C 209 -20.47 -10.72 43.41
CA VAL C 209 -21.17 -11.92 43.91
C VAL C 209 -21.67 -11.66 45.33
N PRO C 210 -22.70 -12.38 45.79
CA PRO C 210 -23.11 -12.25 47.18
C PRO C 210 -21.96 -12.58 48.11
N SER C 211 -21.71 -11.72 49.10
CA SER C 211 -20.56 -11.86 50.01
C SER C 211 -20.48 -13.28 50.60
N SER C 212 -21.62 -13.89 50.95
CA SER C 212 -21.65 -15.22 51.62
C SER C 212 -21.05 -16.30 50.74
N SER C 213 -21.05 -16.12 49.40
CA SER C 213 -20.48 -17.10 48.44
C SER C 213 -18.97 -17.20 48.67
N LEU C 214 -18.33 -16.22 49.32
CA LEU C 214 -16.89 -16.28 49.64
C LEU C 214 -16.65 -17.43 50.63
N GLY C 215 -17.72 -17.83 51.33
CA GLY C 215 -17.64 -18.94 52.29
C GLY C 215 -17.82 -20.29 51.66
N THR C 216 -18.34 -20.39 50.44
CA THR C 216 -18.82 -21.68 49.88
C THR C 216 -18.09 -22.08 48.59
N GLN C 217 -17.22 -21.23 48.05
CA GLN C 217 -16.48 -21.58 46.81
C GLN C 217 -15.25 -20.68 46.70
N THR C 218 -14.32 -21.10 45.86
CA THR C 218 -13.17 -20.26 45.46
C THR C 218 -13.60 -19.36 44.30
N TYR C 219 -12.88 -18.24 44.16
CA TYR C 219 -12.98 -17.33 43.01
C TYR C 219 -11.57 -17.18 42.46
N ILE C 220 -11.33 -17.82 41.33
CA ILE C 220 -10.00 -17.87 40.69
C ILE C 220 -10.10 -17.22 39.30
N CYS C 221 -9.28 -16.22 39.04
CA CYS C 221 -9.23 -15.65 37.66
C CYS C 221 -8.15 -16.42 36.90
N ASN C 222 -8.48 -16.86 35.69
CA ASN C 222 -7.61 -17.63 34.80
C ASN C 222 -7.19 -16.67 33.68
N VAL C 223 -5.93 -16.36 33.57
CA VAL C 223 -5.42 -15.38 32.56
C VAL C 223 -4.52 -16.13 31.59
N ASN C 224 -4.78 -15.98 30.30
CA ASN C 224 -3.96 -16.60 29.23
C ASN C 224 -3.51 -15.49 28.28
N HIS C 225 -2.19 -15.41 28.07
CA HIS C 225 -1.60 -14.51 27.07
C HIS C 225 -0.74 -15.39 26.17
N LYS C 226 -1.31 -15.84 25.06
CA LYS C 226 -0.71 -16.91 24.23
C LYS C 226 0.62 -16.41 23.63
N PRO C 227 0.76 -15.15 23.16
CA PRO C 227 1.99 -14.70 22.55
C PRO C 227 3.24 -14.88 23.42
N SER C 228 3.10 -14.75 24.74
CA SER C 228 4.21 -14.85 25.73
C SER C 228 4.15 -16.20 26.45
N ASN C 229 3.26 -17.11 26.05
CA ASN C 229 3.09 -18.43 26.72
C ASN C 229 2.80 -18.22 28.20
N THR C 230 1.99 -17.24 28.56
CA THR C 230 1.61 -16.98 29.96
C THR C 230 0.28 -17.64 30.25
N LYS C 231 0.22 -18.40 31.34
CA LYS C 231 -1.03 -19.02 31.85
C LYS C 231 -0.92 -18.92 33.36
N VAL C 232 -1.77 -18.08 33.95
CA VAL C 232 -1.72 -17.70 35.39
C VAL C 232 -3.13 -17.90 35.96
N ASP C 233 -3.20 -18.46 37.17
CA ASP C 233 -4.43 -18.56 37.97
C ASP C 233 -4.21 -17.78 39.26
N LYS C 234 -5.17 -16.97 39.67
CA LYS C 234 -5.03 -16.20 40.92
C LYS C 234 -6.34 -16.31 41.68
N ARG C 235 -6.26 -16.88 42.89
CA ARG C 235 -7.43 -16.82 43.78
C ARG C 235 -7.56 -15.40 44.37
N VAL C 236 -8.77 -14.86 44.41
CA VAL C 236 -9.05 -13.50 44.91
C VAL C 236 -9.87 -13.63 46.20
N GLU C 237 -9.45 -12.89 47.22
CA GLU C 237 -10.13 -12.84 48.54
C GLU C 237 -10.15 -11.38 49.02
N PRO C 238 -11.16 -10.98 49.82
CA PRO C 238 -11.14 -9.65 50.42
C PRO C 238 -9.91 -9.52 51.34
N LYS C 239 -9.48 -8.29 51.63
CA LYS C 239 -8.29 -8.07 52.51
C LYS C 239 -8.78 -7.89 53.96
N ASP D 22 -17.09 2.74 -8.84
CA ASP D 22 -17.31 2.10 -7.51
C ASP D 22 -18.63 2.60 -6.89
N VAL D 23 -19.30 1.74 -6.15
CA VAL D 23 -20.57 2.15 -5.47
C VAL D 23 -20.26 2.56 -4.03
N LEU D 24 -20.65 3.77 -3.65
CA LEU D 24 -20.46 4.30 -2.28
C LEU D 24 -21.78 4.10 -1.55
N MET D 25 -21.74 3.41 -0.40
CA MET D 25 -22.92 3.12 0.43
C MET D 25 -22.87 4.04 1.66
N THR D 26 -23.93 4.79 1.91
CA THR D 26 -23.98 5.80 2.98
C THR D 26 -25.18 5.47 3.86
N GLN D 27 -24.92 5.31 5.16
CA GLN D 27 -26.00 4.96 6.10
C GLN D 27 -26.40 6.19 6.91
N SER D 28 -27.67 6.24 7.29
CA SER D 28 -28.19 7.30 8.18
C SER D 28 -29.21 6.68 9.13
N PRO D 29 -29.26 7.05 10.44
CA PRO D 29 -28.31 7.92 11.10
C PRO D 29 -27.06 7.12 11.49
N SER D 30 -26.04 7.77 12.02
CA SER D 30 -24.80 7.08 12.43
C SER D 30 -25.09 6.26 13.70
N SER D 31 -26.02 6.73 14.53
CA SER D 31 -26.45 6.01 15.74
C SER D 31 -27.87 6.40 16.08
N LEU D 32 -28.54 5.54 16.80
CA LEU D 32 -29.88 5.84 17.35
C LEU D 32 -30.06 5.15 18.70
N SER D 33 -30.88 5.76 19.56
CA SER D 33 -31.30 5.13 20.84
C SER D 33 -32.82 5.13 20.89
N ALA D 34 -33.44 4.04 21.29
CA ALA D 34 -34.89 3.93 21.50
C ALA D 34 -35.22 2.97 22.63
N SER D 35 -36.47 2.97 23.07
CA SER D 35 -36.98 2.12 24.16
C SER D 35 -37.33 0.75 23.62
N VAL D 36 -37.34 -0.24 24.51
CA VAL D 36 -37.80 -1.59 24.16
C VAL D 36 -39.23 -1.42 23.63
N GLY D 37 -39.47 -2.06 22.52
CA GLY D 37 -40.77 -2.14 21.86
C GLY D 37 -40.96 -1.04 20.83
N ASP D 38 -40.05 -0.06 20.74
CA ASP D 38 -40.18 1.01 19.71
C ASP D 38 -39.84 0.47 18.31
N ARG D 39 -40.49 1.04 17.29
CA ARG D 39 -40.22 0.74 15.86
CA ARG D 39 -40.20 0.71 15.87
C ARG D 39 -39.15 1.72 15.39
N VAL D 40 -38.02 1.24 14.88
CA VAL D 40 -36.94 2.15 14.43
C VAL D 40 -36.56 1.73 13.02
N THR D 41 -36.07 2.69 12.25
CA THR D 41 -35.65 2.50 10.84
C THR D 41 -34.27 3.07 10.63
N ILE D 42 -33.48 2.40 9.80
CA ILE D 42 -32.13 2.86 9.40
C ILE D 42 -32.14 2.94 7.89
N SER D 43 -31.50 3.97 7.36
CA SER D 43 -31.47 4.24 5.91
C SER D 43 -30.12 3.87 5.34
N CYS D 44 -30.14 3.43 4.09
CA CYS D 44 -28.94 3.11 3.29
C CYS D 44 -29.16 3.66 1.89
N ARG D 45 -28.23 4.48 1.40
CA ARG D 45 -28.31 5.04 0.03
C ARG D 45 -27.08 4.58 -0.72
N ALA D 46 -27.29 4.23 -2.00
CA ALA D 46 -26.21 3.85 -2.94
C ALA D 46 -25.96 5.05 -3.86
N SER D 47 -24.70 5.28 -4.20
CA SER D 47 -24.28 6.42 -5.08
C SER D 47 -24.80 6.22 -6.50
N GLN D 48 -25.14 4.98 -6.88
CA GLN D 48 -25.78 4.65 -8.18
C GLN D 48 -26.66 3.43 -7.99
N SER D 49 -27.57 3.17 -8.93
CA SER D 49 -28.58 2.10 -8.77
C SER D 49 -27.91 0.74 -8.59
N ILE D 50 -28.31 0.02 -7.55
CA ILE D 50 -27.78 -1.34 -7.29
C ILE D 50 -28.93 -2.35 -7.43
N SER D 51 -30.04 -1.93 -8.03
CA SER D 51 -31.21 -2.79 -8.25
C SER D 51 -31.71 -3.31 -6.90
N SER D 52 -31.75 -4.64 -6.70
CA SER D 52 -32.20 -5.35 -5.50
C SER D 52 -31.02 -5.85 -4.64
N PHE D 53 -29.78 -5.62 -5.06
CA PHE D 53 -28.62 -6.38 -4.52
C PHE D 53 -28.07 -5.66 -3.28
N LEU D 54 -28.86 -5.67 -2.23
CA LEU D 54 -28.57 -4.91 -0.98
C LEU D 54 -28.84 -5.84 0.21
N ASN D 55 -27.84 -6.04 1.04
CA ASN D 55 -27.85 -6.96 2.20
C ASN D 55 -27.63 -6.16 3.50
N TRP D 56 -28.22 -6.61 4.59
CA TRP D 56 -28.07 -6.02 5.94
C TRP D 56 -27.50 -7.07 6.89
N TYR D 57 -26.55 -6.62 7.70
CA TYR D 57 -25.88 -7.45 8.72
C TYR D 57 -26.01 -6.77 10.07
N GLN D 58 -26.06 -7.63 11.10
CA GLN D 58 -25.97 -7.23 12.52
C GLN D 58 -24.60 -7.64 13.04
N GLN D 59 -23.93 -6.74 13.73
CA GLN D 59 -22.65 -7.12 14.39
C GLN D 59 -22.61 -6.59 15.83
N LYS D 60 -22.44 -7.49 16.77
CA LYS D 60 -22.07 -7.13 18.18
C LYS D 60 -20.56 -7.01 18.29
N PRO D 61 -19.99 -6.17 19.21
CA PRO D 61 -18.54 -5.92 19.27
C PRO D 61 -17.70 -7.19 19.49
N GLY D 62 -16.63 -7.38 18.70
CA GLY D 62 -15.79 -8.60 18.70
C GLY D 62 -16.59 -9.87 18.45
N LYS D 63 -17.65 -9.77 17.64
CA LYS D 63 -18.40 -10.94 17.13
C LYS D 63 -18.47 -10.81 15.60
N ALA D 64 -18.62 -11.94 14.95
CA ALA D 64 -18.87 -12.09 13.51
C ALA D 64 -20.17 -11.34 13.20
N PRO D 65 -20.17 -10.57 12.12
CA PRO D 65 -21.44 -10.13 11.56
C PRO D 65 -22.36 -11.33 11.32
N LYS D 66 -23.67 -11.09 11.30
CA LYS D 66 -24.75 -12.05 11.00
C LYS D 66 -25.66 -11.46 9.93
N LEU D 67 -25.94 -12.23 8.89
CA LEU D 67 -26.84 -11.78 7.81
C LEU D 67 -28.25 -11.71 8.37
N LEU D 68 -28.93 -10.59 8.16
CA LEU D 68 -30.36 -10.42 8.52
C LEU D 68 -31.25 -10.52 7.29
N ILE D 69 -30.92 -9.71 6.29
CA ILE D 69 -31.78 -9.41 5.12
C ILE D 69 -30.88 -9.52 3.89
N SER D 70 -31.33 -10.21 2.85
CA SER D 70 -30.65 -10.19 1.54
C SER D 70 -31.64 -9.78 0.47
N ALA D 71 -31.14 -9.33 -0.68
CA ALA D 71 -31.97 -8.89 -1.82
C ALA D 71 -33.01 -7.89 -1.36
N ALA D 72 -32.59 -6.95 -0.53
CA ALA D 72 -33.36 -5.81 0.01
C ALA D 72 -34.36 -6.23 1.08
N SER D 73 -35.08 -7.34 0.90
CA SER D 73 -36.27 -7.62 1.73
C SER D 73 -36.39 -9.08 2.18
N SER D 74 -35.45 -9.97 1.83
CA SER D 74 -35.56 -11.42 2.16
CA SER D 74 -35.57 -11.41 2.16
C SER D 74 -34.96 -11.67 3.54
N LEU D 75 -35.81 -12.00 4.50
CA LEU D 75 -35.35 -12.31 5.88
C LEU D 75 -34.67 -13.66 5.89
N SER D 76 -33.45 -13.72 6.44
CA SER D 76 -32.69 -14.97 6.67
C SER D 76 -33.44 -15.86 7.65
N SER D 77 -33.39 -17.16 7.45
CA SER D 77 -34.05 -18.15 8.33
C SER D 77 -33.51 -18.00 9.75
N GLY D 78 -34.41 -18.02 10.74
CA GLY D 78 -34.08 -17.91 12.17
C GLY D 78 -34.07 -16.47 12.66
N VAL D 79 -34.06 -15.48 11.76
CA VAL D 79 -34.05 -14.04 12.15
C VAL D 79 -35.48 -13.70 12.58
N PRO D 80 -35.70 -13.06 13.74
CA PRO D 80 -37.05 -12.67 14.14
C PRO D 80 -37.75 -11.77 13.09
N SER D 81 -39.06 -11.97 12.99
CA SER D 81 -39.97 -11.29 12.02
C SER D 81 -40.02 -9.79 12.27
N ARG D 82 -39.56 -9.31 13.43
CA ARG D 82 -39.55 -7.86 13.72
C ARG D 82 -38.50 -7.17 12.85
N PHE D 83 -37.62 -7.94 12.22
CA PHE D 83 -36.68 -7.38 11.22
C PHE D 83 -37.34 -7.41 9.83
N SER D 84 -37.29 -6.29 9.13
CA SER D 84 -37.74 -6.27 7.72
C SER D 84 -36.88 -5.30 6.93
N GLY D 85 -36.88 -5.48 5.61
CA GLY D 85 -36.13 -4.60 4.72
C GLY D 85 -37.00 -4.14 3.56
N SER D 86 -36.70 -2.93 3.09
CA SER D 86 -37.43 -2.34 1.95
C SER D 86 -36.50 -1.50 1.09
N GLY D 87 -37.00 -1.17 -0.11
CA GLY D 87 -36.28 -0.31 -1.07
C GLY D 87 -35.78 -1.03 -2.31
N SER D 88 -35.20 -0.22 -3.18
CA SER D 88 -34.69 -0.68 -4.49
C SER D 88 -33.89 0.48 -5.07
N GLY D 89 -33.04 0.20 -6.05
CA GLY D 89 -32.33 1.26 -6.78
C GLY D 89 -31.24 1.91 -5.93
N THR D 90 -31.50 3.07 -5.34
CA THR D 90 -30.53 3.87 -4.57
C THR D 90 -30.98 4.11 -3.13
N SER D 91 -32.17 3.68 -2.74
CA SER D 91 -32.72 3.96 -1.39
C SER D 91 -33.26 2.69 -0.74
N PHE D 92 -32.70 2.32 0.43
CA PHE D 92 -33.11 1.13 1.21
C PHE D 92 -33.28 1.51 2.68
N THR D 93 -34.07 0.72 3.36
CA THR D 93 -34.34 0.89 4.80
C THR D 93 -34.39 -0.48 5.46
N LEU D 94 -33.81 -0.53 6.65
CA LEU D 94 -34.03 -1.68 7.57
C LEU D 94 -34.95 -1.19 8.70
N THR D 95 -36.01 -1.93 8.99
CA THR D 95 -36.91 -1.58 10.12
C THR D 95 -36.83 -2.68 11.18
N ILE D 96 -36.79 -2.27 12.45
CA ILE D 96 -37.02 -3.14 13.62
C ILE D 96 -38.33 -2.65 14.24
N SER D 97 -39.33 -3.50 14.23
CA SER D 97 -40.72 -3.10 14.58
C SER D 97 -40.87 -3.04 16.10
N SER D 98 -40.03 -3.79 16.82
CA SER D 98 -40.19 -4.03 18.29
C SER D 98 -38.77 -4.16 18.87
N LEU D 99 -38.08 -3.05 19.07
CA LEU D 99 -36.64 -3.10 19.49
C LEU D 99 -36.50 -3.86 20.81
N GLN D 100 -35.60 -4.86 20.83
CA GLN D 100 -35.39 -5.71 22.02
C GLN D 100 -34.01 -5.43 22.58
N PRO D 101 -33.78 -5.71 23.88
CA PRO D 101 -32.47 -5.40 24.47
C PRO D 101 -31.32 -6.10 23.72
N GLU D 102 -31.56 -7.31 23.21
CA GLU D 102 -30.56 -8.13 22.48
C GLU D 102 -30.30 -7.59 21.06
N ASP D 103 -31.03 -6.55 20.62
CA ASP D 103 -30.83 -5.93 19.29
C ASP D 103 -29.75 -4.84 19.33
N VAL D 104 -29.20 -4.50 20.49
CA VAL D 104 -28.07 -3.55 20.60
C VAL D 104 -26.88 -4.14 19.83
N ALA D 105 -26.43 -3.39 18.83
CA ALA D 105 -25.49 -3.86 17.79
C ALA D 105 -25.21 -2.72 16.82
N THR D 106 -24.22 -2.93 15.95
CA THR D 106 -24.02 -2.08 14.77
C THR D 106 -24.63 -2.83 13.58
N TYR D 107 -25.41 -2.12 12.77
CA TYR D 107 -26.06 -2.69 11.58
C TYR D 107 -25.39 -2.06 10.35
N TYR D 108 -25.05 -2.91 9.38
CA TYR D 108 -24.31 -2.54 8.16
C TYR D 108 -25.13 -2.95 6.96
N CYS D 109 -25.28 -2.05 6.02
CA CYS D 109 -25.74 -2.42 4.67
C CYS D 109 -24.53 -2.73 3.80
N GLN D 110 -24.75 -3.43 2.71
CA GLN D 110 -23.68 -3.86 1.80
C GLN D 110 -24.29 -4.16 0.44
N GLN D 111 -23.71 -3.59 -0.61
CA GLN D 111 -24.13 -3.84 -2.01
C GLN D 111 -23.40 -5.06 -2.55
N SER D 112 -24.14 -5.94 -3.23
CA SER D 112 -23.60 -7.09 -3.99
C SER D 112 -23.89 -6.92 -5.48
N TYR D 113 -24.00 -5.69 -5.94
CA TYR D 113 -24.31 -5.38 -7.37
C TYR D 113 -23.04 -5.29 -8.24
N SER D 114 -22.03 -4.61 -7.74
CA SER D 114 -20.88 -4.26 -8.60
C SER D 114 -19.81 -5.29 -8.36
N PHE D 115 -18.82 -5.26 -9.27
CA PHE D 115 -17.69 -6.21 -9.31
C PHE D 115 -16.93 -6.12 -7.99
N LEU D 116 -16.70 -4.91 -7.44
CA LEU D 116 -16.02 -4.67 -6.15
C LEU D 116 -17.04 -4.32 -5.06
N LEU D 117 -17.11 -5.18 -4.05
CA LEU D 117 -18.19 -5.11 -3.04
C LEU D 117 -17.88 -4.00 -2.05
N THR D 118 -18.90 -3.36 -1.51
CA THR D 118 -18.72 -2.24 -0.54
C THR D 118 -19.82 -2.28 0.52
N PHE D 119 -19.43 -1.89 1.73
CA PHE D 119 -20.29 -1.77 2.91
C PHE D 119 -20.58 -0.29 3.19
N GLY D 120 -21.74 -0.02 3.76
CA GLY D 120 -22.05 1.24 4.45
C GLY D 120 -21.24 1.33 5.72
N GLY D 121 -21.21 2.51 6.32
CA GLY D 121 -20.32 2.80 7.45
C GLY D 121 -20.85 2.33 8.79
N GLY D 122 -22.08 1.80 8.85
CA GLY D 122 -22.64 1.26 10.09
C GLY D 122 -23.62 2.22 10.75
N THR D 123 -24.59 1.67 11.46
CA THR D 123 -25.47 2.43 12.40
C THR D 123 -25.46 1.73 13.75
N ASN D 124 -25.03 2.44 14.82
N ASN D 124 -25.00 2.44 14.79
CA ASN D 124 -24.94 1.90 16.20
CA ASN D 124 -24.98 1.96 16.20
C ASN D 124 -26.31 2.08 16.87
C ASN D 124 -26.42 2.07 16.72
N VAL D 125 -26.97 0.98 17.25
CA VAL D 125 -28.31 0.98 17.87
C VAL D 125 -28.13 0.71 19.37
N GLU D 126 -28.65 1.63 20.19
CA GLU D 126 -28.58 1.60 21.68
C GLU D 126 -30.00 1.55 22.26
N ILE D 127 -30.15 0.96 23.45
CA ILE D 127 -31.45 0.89 24.17
C ILE D 127 -31.53 2.05 25.15
N LYS D 128 -32.71 2.67 25.22
CA LYS D 128 -33.10 3.64 26.30
C LYS D 128 -33.92 2.88 27.33
N ARG D 129 -33.55 3.02 28.62
CA ARG D 129 -34.25 2.40 29.76
C ARG D 129 -34.30 3.39 30.94
N THR D 130 -34.91 3.00 32.05
CA THR D 130 -35.08 3.85 33.26
C THR D 130 -33.70 4.03 33.87
N VAL D 131 -33.40 5.22 34.40
CA VAL D 131 -32.10 5.56 35.03
C VAL D 131 -31.79 4.49 36.10
N ALA D 132 -30.53 4.06 36.15
CA ALA D 132 -29.99 3.16 37.20
C ALA D 132 -28.67 3.76 37.68
N ALA D 133 -28.57 4.08 38.97
CA ALA D 133 -27.32 4.67 39.53
C ALA D 133 -26.25 3.58 39.57
N PRO D 134 -24.96 3.92 39.45
CA PRO D 134 -23.90 2.91 39.58
C PRO D 134 -23.71 2.47 41.03
N SER D 135 -23.46 1.17 41.26
CA SER D 135 -22.91 0.63 42.52
C SER D 135 -21.40 0.85 42.42
N VAL D 136 -20.76 1.49 43.41
CA VAL D 136 -19.35 1.96 43.29
C VAL D 136 -18.47 1.20 44.28
N PHE D 137 -17.31 0.75 43.81
CA PHE D 137 -16.33 -0.03 44.63
C PHE D 137 -14.95 0.51 44.36
N ILE D 138 -14.10 0.54 45.39
CA ILE D 138 -12.71 1.01 45.26
C ILE D 138 -11.79 -0.13 45.68
N PHE D 139 -10.69 -0.25 44.95
CA PHE D 139 -9.64 -1.28 45.18
C PHE D 139 -8.29 -0.61 45.38
N PRO D 140 -7.65 -0.76 46.56
CA PRO D 140 -6.26 -0.38 46.73
C PRO D 140 -5.34 -1.22 45.87
N PRO D 141 -4.10 -0.74 45.62
CA PRO D 141 -3.10 -1.57 44.97
C PRO D 141 -2.80 -2.77 45.86
N SER D 142 -2.52 -3.90 45.21
CA SER D 142 -2.10 -5.15 45.88
C SER D 142 -0.69 -4.96 46.43
N ASP D 143 -0.41 -5.60 47.57
CA ASP D 143 0.97 -5.60 48.12
C ASP D 143 1.89 -6.21 47.05
N GLU D 144 1.40 -7.21 46.29
CA GLU D 144 2.17 -7.83 45.21
C GLU D 144 2.64 -6.75 44.22
N GLN D 145 1.76 -5.85 43.78
CA GLN D 145 2.14 -4.85 42.75
C GLN D 145 3.13 -3.84 43.36
N LEU D 146 2.89 -3.43 44.60
CA LEU D 146 3.66 -2.36 45.25
C LEU D 146 5.13 -2.77 45.36
N LYS D 147 5.41 -4.05 45.55
CA LYS D 147 6.79 -4.62 45.57
C LYS D 147 7.58 -4.19 44.32
N SER D 148 6.95 -4.06 43.16
CA SER D 148 7.64 -3.83 41.86
C SER D 148 7.61 -2.34 41.49
N GLY D 149 7.11 -1.46 42.37
CA GLY D 149 7.34 -0.01 42.26
C GLY D 149 6.26 0.77 41.54
N THR D 150 5.10 0.17 41.24
CA THR D 150 3.92 0.89 40.69
C THR D 150 2.71 0.60 41.57
N ALA D 151 1.81 1.57 41.68
CA ALA D 151 0.53 1.46 42.43
C ALA D 151 -0.62 1.76 41.46
N SER D 152 -1.47 0.76 41.19
CA SER D 152 -2.72 0.90 40.43
C SER D 152 -3.88 0.96 41.43
N VAL D 153 -4.62 2.05 41.45
CA VAL D 153 -5.85 2.16 42.25
C VAL D 153 -7.02 2.06 41.29
N VAL D 154 -8.00 1.20 41.59
CA VAL D 154 -9.16 0.98 40.67
C VAL D 154 -10.49 1.35 41.32
N CYS D 155 -11.32 2.04 40.55
CA CYS D 155 -12.71 2.38 40.89
C CYS D 155 -13.63 1.70 39.88
N LEU D 156 -14.63 0.95 40.36
CA LEU D 156 -15.59 0.20 39.53
C LEU D 156 -16.99 0.80 39.70
N LEU D 157 -17.65 1.10 38.58
CA LEU D 157 -19.07 1.53 38.55
C LEU D 157 -19.87 0.40 37.90
N ASN D 158 -20.79 -0.23 38.64
CA ASN D 158 -21.49 -1.44 38.19
C ASN D 158 -22.93 -1.10 37.76
N ASN D 159 -23.33 -1.58 36.57
CA ASN D 159 -24.78 -1.81 36.25
C ASN D 159 -25.56 -0.50 36.34
N PHE D 160 -25.15 0.48 35.55
CA PHE D 160 -25.77 1.84 35.51
C PHE D 160 -26.31 2.16 34.12
N TYR D 161 -27.25 3.12 34.08
CA TYR D 161 -27.80 3.72 32.85
C TYR D 161 -28.22 5.15 33.19
N PRO D 162 -27.98 6.20 32.40
CA PRO D 162 -27.28 6.15 31.11
C PRO D 162 -25.76 5.98 31.22
N ARG D 163 -25.10 6.00 30.06
CA ARG D 163 -23.64 5.79 29.87
C ARG D 163 -22.84 6.93 30.51
N GLU D 164 -23.26 8.17 30.34
CA GLU D 164 -22.44 9.32 30.78
C GLU D 164 -22.23 9.25 32.31
N ALA D 165 -20.97 9.36 32.73
CA ALA D 165 -20.55 9.27 34.15
C ALA D 165 -19.25 10.06 34.32
N LYS D 166 -19.12 10.76 35.43
CA LYS D 166 -17.92 11.53 35.77
C LYS D 166 -17.25 10.83 36.95
N VAL D 167 -15.99 10.41 36.78
CA VAL D 167 -15.19 9.76 37.85
C VAL D 167 -13.96 10.62 38.12
N GLN D 168 -13.83 11.18 39.32
CA GLN D 168 -12.67 12.01 39.71
C GLN D 168 -11.87 11.32 40.82
N TRP D 169 -10.55 11.41 40.74
CA TRP D 169 -9.61 10.85 41.73
C TRP D 169 -9.07 11.97 42.62
N LYS D 170 -9.11 11.78 43.94
CA LYS D 170 -8.47 12.72 44.89
C LYS D 170 -7.49 11.94 45.77
N VAL D 171 -6.28 12.45 45.91
CA VAL D 171 -5.23 11.88 46.79
C VAL D 171 -4.93 12.94 47.87
N ASP D 172 -5.30 12.67 49.13
CA ASP D 172 -5.24 13.66 50.24
C ASP D 172 -5.97 14.93 49.79
N ASN D 173 -7.13 14.79 49.16
CA ASN D 173 -8.03 15.87 48.65
C ASN D 173 -7.42 16.62 47.45
N ALA D 174 -6.20 16.30 46.98
CA ALA D 174 -5.60 16.86 45.74
C ALA D 174 -6.18 16.13 44.52
N LEU D 175 -7.08 16.77 43.77
CA LEU D 175 -7.66 16.23 42.50
C LEU D 175 -6.54 15.82 41.53
N GLN D 176 -6.61 14.61 40.96
CA GLN D 176 -5.51 14.06 40.12
C GLN D 176 -5.82 14.38 38.65
N SER D 177 -4.77 14.64 37.85
CA SER D 177 -4.89 15.04 36.42
C SER D 177 -3.89 14.24 35.60
N GLY D 178 -4.35 13.68 34.48
CA GLY D 178 -3.52 13.01 33.46
C GLY D 178 -2.89 11.70 33.91
N ASN D 179 -3.31 11.11 35.04
CA ASN D 179 -2.70 9.86 35.55
C ASN D 179 -3.79 8.81 35.76
N SER D 180 -4.96 8.97 35.14
CA SER D 180 -6.07 7.98 35.21
C SER D 180 -6.54 7.61 33.80
N GLN D 181 -7.09 6.40 33.63
CA GLN D 181 -7.73 5.91 32.38
C GLN D 181 -8.98 5.11 32.71
N GLU D 182 -9.98 5.21 31.84
CA GLU D 182 -11.32 4.60 31.96
C GLU D 182 -11.50 3.55 30.87
N SER D 183 -12.26 2.51 31.17
CA SER D 183 -12.74 1.52 30.18
C SER D 183 -14.22 1.22 30.46
N VAL D 184 -15.05 1.05 29.43
CA VAL D 184 -16.51 0.81 29.59
C VAL D 184 -16.95 -0.47 28.87
N THR D 185 -17.90 -1.19 29.44
CA THR D 185 -18.42 -2.43 28.86
C THR D 185 -19.39 -2.03 27.74
N GLU D 186 -19.67 -2.99 26.89
CA GLU D 186 -20.79 -2.92 25.92
C GLU D 186 -22.09 -2.86 26.72
N GLN D 187 -23.08 -2.14 26.20
CA GLN D 187 -24.40 -2.13 26.85
C GLN D 187 -24.89 -3.57 26.98
N ASP D 188 -25.32 -3.96 28.16
CA ASP D 188 -25.68 -5.36 28.48
C ASP D 188 -26.86 -5.79 27.60
N SER D 189 -26.74 -6.95 26.98
CA SER D 189 -27.78 -7.48 26.05
C SER D 189 -29.09 -7.82 26.79
N LYS D 190 -29.11 -7.89 28.13
CA LYS D 190 -30.33 -8.32 28.88
C LYS D 190 -30.93 -7.12 29.62
N ASP D 191 -30.08 -6.39 30.34
CA ASP D 191 -30.52 -5.38 31.33
C ASP D 191 -30.29 -3.99 30.75
N SER D 192 -29.56 -3.85 29.63
CA SER D 192 -29.27 -2.56 28.93
C SER D 192 -28.49 -1.56 29.79
N THR D 193 -27.66 -2.03 30.73
CA THR D 193 -26.81 -1.19 31.60
C THR D 193 -25.35 -1.25 31.13
N TYR D 194 -24.55 -0.33 31.63
CA TYR D 194 -23.08 -0.22 31.44
C TYR D 194 -22.41 -0.51 32.78
N SER D 195 -21.18 -0.99 32.71
CA SER D 195 -20.24 -0.93 33.85
C SER D 195 -18.96 -0.23 33.38
N LEU D 196 -18.21 0.39 34.29
CA LEU D 196 -17.06 1.25 33.95
C LEU D 196 -15.95 1.03 34.96
N SER D 197 -14.71 1.00 34.51
CA SER D 197 -13.52 0.95 35.40
C SER D 197 -12.71 2.24 35.21
N SER D 198 -12.22 2.80 36.30
CA SER D 198 -11.25 3.91 36.22
C SER D 198 -10.00 3.46 36.98
N THR D 199 -8.84 3.63 36.37
CA THR D 199 -7.56 3.18 36.97
C THR D 199 -6.60 4.36 37.13
N LEU D 200 -6.22 4.60 38.38
CA LEU D 200 -5.26 5.64 38.76
C LEU D 200 -3.90 4.97 38.90
N THR D 201 -2.89 5.49 38.18
CA THR D 201 -1.53 4.92 38.18
C THR D 201 -0.56 5.91 38.81
N LEU D 202 0.18 5.45 39.82
CA LEU D 202 1.12 6.25 40.64
C LEU D 202 2.39 5.42 40.80
N SER D 203 3.55 6.05 40.97
CA SER D 203 4.75 5.32 41.45
C SER D 203 4.48 4.81 42.86
N LYS D 204 5.17 3.77 43.28
CA LYS D 204 5.15 3.25 44.68
C LYS D 204 5.58 4.41 45.59
N ALA D 205 6.67 5.09 45.23
CA ALA D 205 7.20 6.27 45.98
C ALA D 205 6.08 7.27 46.23
N ASP D 206 5.34 7.67 45.19
CA ASP D 206 4.23 8.67 45.28
C ASP D 206 3.10 8.12 46.15
N TYR D 207 2.69 6.85 45.96
CA TYR D 207 1.58 6.20 46.69
C TYR D 207 1.89 6.19 48.21
N GLU D 208 3.15 5.99 48.56
CA GLU D 208 3.53 5.79 49.99
C GLU D 208 3.58 7.14 50.72
N LYS D 209 3.64 8.25 49.98
CA LYS D 209 3.69 9.63 50.53
C LYS D 209 2.29 10.14 50.91
N HIS D 210 1.20 9.42 50.59
CA HIS D 210 -0.18 9.93 50.78
C HIS D 210 -1.00 8.91 51.55
N LYS D 211 -2.10 9.36 52.18
CA LYS D 211 -2.96 8.53 53.05
C LYS D 211 -4.33 8.28 52.38
N VAL D 212 -5.08 9.33 52.04
CA VAL D 212 -6.51 9.22 51.63
C VAL D 212 -6.57 9.06 50.11
N TYR D 213 -7.10 7.93 49.64
CA TYR D 213 -7.33 7.69 48.19
C TYR D 213 -8.83 7.59 47.98
N ALA D 214 -9.39 8.42 47.12
CA ALA D 214 -10.85 8.51 46.95
C ALA D 214 -11.21 8.64 45.47
N CYS D 215 -12.22 7.90 45.04
CA CYS D 215 -12.87 8.11 43.73
C CYS D 215 -14.27 8.69 43.98
N GLU D 216 -14.53 9.79 43.29
CA GLU D 216 -15.80 10.53 43.40
C GLU D 216 -16.54 10.39 42.08
N VAL D 217 -17.76 9.86 42.17
CA VAL D 217 -18.64 9.57 41.02
C VAL D 217 -19.83 10.53 40.98
N THR D 218 -19.96 11.23 39.85
CA THR D 218 -21.17 12.00 39.46
C THR D 218 -21.92 11.28 38.33
N HIS D 219 -23.23 11.08 38.52
CA HIS D 219 -24.14 10.40 37.57
C HIS D 219 -25.59 10.82 37.84
N GLN D 220 -26.44 10.74 36.81
CA GLN D 220 -27.84 11.23 36.79
C GLN D 220 -28.70 10.44 37.77
N GLY D 221 -28.24 9.25 38.20
CA GLY D 221 -29.00 8.37 39.10
C GLY D 221 -28.76 8.70 40.56
N LEU D 222 -27.76 9.55 40.85
CA LEU D 222 -27.27 9.90 42.22
C LEU D 222 -27.58 11.37 42.54
N SER D 223 -28.37 11.61 43.60
CA SER D 223 -28.74 12.94 44.14
C SER D 223 -27.51 13.84 44.35
N SER D 224 -26.49 13.31 45.04
CA SER D 224 -25.16 13.92 45.31
C SER D 224 -24.05 12.99 44.83
N PRO D 225 -22.87 13.51 44.42
CA PRO D 225 -21.74 12.65 44.08
C PRO D 225 -21.48 11.62 45.18
N VAL D 226 -21.20 10.37 44.80
CA VAL D 226 -20.83 9.26 45.73
C VAL D 226 -19.30 9.13 45.77
N THR D 227 -18.72 9.11 46.96
CA THR D 227 -17.26 8.97 47.13
C THR D 227 -16.99 7.64 47.81
N LYS D 228 -16.04 6.89 47.27
CA LYS D 228 -15.51 5.66 47.90
C LYS D 228 -14.05 5.94 48.14
N SER D 229 -13.56 5.64 49.35
CA SER D 229 -12.19 5.98 49.76
C SER D 229 -11.64 4.88 50.66
N PHE D 230 -10.32 4.82 50.72
CA PHE D 230 -9.56 4.09 51.76
C PHE D 230 -8.39 4.95 52.24
N ASN D 231 -7.89 4.62 53.44
CA ASN D 231 -6.63 5.19 53.99
C ASN D 231 -5.55 4.13 53.83
N ARG D 232 -4.43 4.45 53.14
CA ARG D 232 -3.35 3.50 52.82
C ARG D 232 -2.92 2.73 54.08
C1 EDO E . 1.47 21.68 -44.01
O1 EDO E . 0.37 21.00 -43.35
C2 EDO E . 2.72 20.80 -44.29
O2 EDO E . 2.56 19.66 -45.19
H11 EDO E . 1.74 22.42 -43.46
H12 EDO E . 1.15 22.04 -44.84
HO1 EDO E . -0.32 21.08 -43.81
H21 EDO E . 3.05 20.47 -43.45
H22 EDO E . 3.41 21.37 -44.67
HO2 EDO E . 1.76 19.38 -45.14
C1 EDO F . 3.60 16.63 -46.90
O1 EDO F . 4.27 17.46 -45.98
C2 EDO F . 3.00 15.43 -46.27
O2 EDO F . 2.20 15.74 -45.14
H11 EDO F . 4.23 16.34 -47.59
H12 EDO F . 2.90 17.14 -47.34
HO1 EDO F . 3.76 18.09 -45.75
H21 EDO F . 3.70 14.82 -46.01
H22 EDO F . 2.46 14.97 -46.93
HO2 EDO F . 1.95 16.54 -45.18
C1 EDO G . 24.77 13.10 -33.36
O1 EDO G . 23.68 13.57 -32.54
C2 EDO G . 25.84 12.26 -32.68
O2 EDO G . 25.56 10.85 -32.33
H11 EDO G . 25.21 13.88 -33.76
H12 EDO G . 24.40 12.58 -34.08
HO1 EDO G . 23.15 12.94 -32.39
H21 EDO G . 26.07 12.71 -31.86
H22 EDO G . 26.62 12.27 -33.25
HO2 EDO G . 26.18 10.37 -32.65
CAC FLC H . 17.43 -7.66 -18.47
CA FLC H . 17.63 -9.15 -18.30
CB FLC H . 18.96 -9.77 -18.74
CBC FLC H . 18.98 -11.28 -18.37
CG FLC H . 20.07 -9.04 -17.98
CGC FLC H . 21.49 -9.17 -18.51
OA1 FLC H . 17.29 -7.21 -19.62
OA2 FLC H . 17.38 -6.95 -17.45
OB1 FLC H . 19.14 -12.11 -19.28
OB2 FLC H . 18.85 -11.55 -17.17
OG1 FLC H . 22.14 -8.13 -18.59
OG2 FLC H . 21.92 -10.28 -18.83
OHB FLC H . 19.12 -9.59 -20.14
HA1 FLC H . 16.92 -9.61 -18.79
HA2 FLC H . 17.50 -9.36 -17.36
HG1 FLC H . 20.06 -9.36 -17.07
HG2 FLC H . 19.84 -8.09 -17.95
HOB FLC H . 19.22 -10.35 -20.51
C1 EDO I . -31.73 -10.63 17.06
O1 EDO I . -31.04 -9.46 17.64
C2 EDO I . -31.33 -11.20 15.73
O2 EDO I . -29.98 -11.71 15.64
H11 EDO I . -32.67 -10.40 16.99
H12 EDO I . -31.66 -11.35 17.71
HO1 EDO I . -31.61 -8.88 17.87
H21 EDO I . -31.45 -10.52 15.05
H22 EDO I . -31.94 -11.93 15.51
HO2 EDO I . -29.44 -11.06 15.60
#